data_7LF4
#
_entry.id   7LF4
#
_cell.length_a   117.130
_cell.length_b   117.130
_cell.length_c   210.220
_cell.angle_alpha   90.000
_cell.angle_beta   90.000
_cell.angle_gamma   120.000
#
_symmetry.space_group_name_H-M   'P 32 2 1'
#
loop_
_entity.id
_entity.type
_entity.pdbx_description
1 polymer 'Importin subunit alpha-3'
2 polymer 'Nuclear factor NF-kappa-B p105 subunit'
3 polymer 'Transcription factor p65'
#
loop_
_entity_poly.entity_id
_entity_poly.type
_entity_poly.pdbx_seq_one_letter_code
_entity_poly.pdbx_strand_id
1 'polypeptide(L)'
;MADNEKLDNQRLKNFKNKGRDLETMRRQRNEVVVELRKNKRDEHLLKRRNVPHEDICEDSDIDGDYRVQNTSLEAIVQNA
SSDNQGIQLSAVQAARKLLSSDRNPPIDDLIKSGILPILVHCLERDDNPSLQFEAAWALTNIASGTSEQTQAVVQSNAVP
LFLRLLHSPHQNVCEQAVWALGNIIGDGPQCRDYVISLGVVKPLLSFISPSIPITFLRNVTWVMVNLCRHKDPPPPMETI
QEILPALCVLIHHTDVNILVDTVWALSYLTDAGNEQIQMVIDSGIVPHLVPLLSHQEVKVQTAALRAVGNIVTGTDEQTQ
VVLNCDALSHFPALLTHPKEKINKEAVWFLSNITAGNQQQVQAVIDANLVPMIIHLLDKGDFGTQKEAAWAISNLTISGR
KDQVAYLIQQNVIPPFCNLLTVKDAQVVQVVLDGLSNILKMAEDEAETIGNLIEECGGLEKIEQLQNHENEDIYKLAYEI
IDQFFSSDDIDEDPSLVPEAIQGGTFGFNSSANVPTEGFQF
;
A,C
2 'polypeptide(L)' DKEEVQRKRQKLMP B,F
3 'polypeptide(L)' DRHRIEEKRKRTYETFKSIMKK D,E
#
# COMPACT_ATOMS: atom_id res chain seq x y z
N SER A 72 -57.53 -17.72 -11.51
CA SER A 72 -57.63 -17.16 -10.14
C SER A 72 -56.77 -15.88 -10.05
N LEU A 73 -57.18 -14.91 -9.23
CA LEU A 73 -56.52 -13.58 -9.23
C LEU A 73 -55.67 -13.25 -8.02
N GLU A 74 -56.16 -13.36 -6.78
CA GLU A 74 -55.26 -12.85 -5.74
C GLU A 74 -54.73 -13.93 -4.82
N ALA A 75 -55.59 -14.75 -4.23
CA ALA A 75 -55.10 -15.59 -3.15
C ALA A 75 -54.38 -16.78 -3.76
N ILE A 76 -53.44 -16.49 -4.68
CA ILE A 76 -52.57 -17.50 -5.22
C ILE A 76 -51.56 -17.97 -4.20
N VAL A 77 -51.48 -17.28 -3.06
CA VAL A 77 -50.78 -17.83 -1.90
C VAL A 77 -51.29 -19.24 -1.68
N GLN A 78 -52.59 -19.47 -1.95
CA GLN A 78 -53.11 -20.82 -1.81
C GLN A 78 -52.68 -21.69 -2.98
N ASN A 79 -52.78 -21.17 -4.21
CA ASN A 79 -52.56 -22.03 -5.38
C ASN A 79 -51.14 -22.54 -5.41
N ALA A 80 -50.20 -21.74 -4.89
CA ALA A 80 -48.78 -22.06 -4.87
C ALA A 80 -48.45 -23.16 -3.88
N SER A 81 -49.42 -23.60 -3.08
CA SER A 81 -49.23 -24.68 -2.13
C SER A 81 -50.12 -25.85 -2.50
N SER A 82 -50.11 -26.20 -3.79
CA SER A 82 -50.93 -27.25 -4.36
C SER A 82 -50.12 -28.52 -4.60
N ASP A 83 -50.81 -29.67 -4.51
CA ASP A 83 -50.20 -30.95 -4.88
C ASP A 83 -49.86 -30.98 -6.36
N ASN A 84 -50.76 -30.45 -7.19
CA ASN A 84 -50.62 -30.42 -8.64
C ASN A 84 -49.52 -29.44 -9.02
N GLN A 85 -48.40 -29.94 -9.55
CA GLN A 85 -47.28 -29.04 -9.80
C GLN A 85 -47.59 -28.01 -10.88
N GLY A 86 -48.58 -28.27 -11.75
CA GLY A 86 -48.99 -27.26 -12.70
C GLY A 86 -49.65 -26.06 -12.05
N ILE A 87 -50.55 -26.30 -11.09
CA ILE A 87 -51.20 -25.21 -10.36
C ILE A 87 -50.16 -24.39 -9.61
N GLN A 88 -49.26 -25.09 -8.91
CA GLN A 88 -48.21 -24.43 -8.14
C GLN A 88 -47.31 -23.59 -9.05
N LEU A 89 -46.94 -24.15 -10.20
CA LEU A 89 -46.02 -23.45 -11.09
C LEU A 89 -46.70 -22.23 -11.68
N SER A 90 -47.98 -22.35 -12.05
CA SER A 90 -48.72 -21.20 -12.56
C SER A 90 -48.86 -20.10 -11.51
N ALA A 91 -49.12 -20.48 -10.25
CA ALA A 91 -49.24 -19.47 -9.19
C ALA A 91 -47.92 -18.76 -8.94
N VAL A 92 -46.81 -19.52 -8.92
CA VAL A 92 -45.51 -18.90 -8.71
C VAL A 92 -45.15 -18.02 -9.89
N GLN A 93 -45.50 -18.45 -11.10
CA GLN A 93 -45.26 -17.62 -12.27
C GLN A 93 -46.09 -16.35 -12.21
N ALA A 94 -47.31 -16.43 -11.66
CA ALA A 94 -48.13 -15.24 -11.42
C ALA A 94 -47.48 -14.32 -10.40
N ALA A 95 -46.88 -14.88 -9.34
CA ALA A 95 -46.18 -14.04 -8.37
C ALA A 95 -45.02 -13.31 -9.04
N ARG A 96 -44.27 -14.02 -9.87
CA ARG A 96 -43.26 -13.38 -10.71
C ARG A 96 -43.87 -12.29 -11.58
N LYS A 97 -45.08 -12.54 -12.11
CA LYS A 97 -45.74 -11.55 -12.95
C LYS A 97 -45.98 -10.26 -12.18
N LEU A 98 -46.57 -10.37 -10.99
CA LEU A 98 -46.77 -9.20 -10.15
C LEU A 98 -45.45 -8.51 -9.83
N LEU A 99 -44.37 -9.27 -9.67
CA LEU A 99 -43.11 -8.68 -9.22
C LEU A 99 -42.20 -8.25 -10.37
N SER A 100 -42.60 -8.41 -11.63
CA SER A 100 -41.68 -8.05 -12.71
C SER A 100 -42.30 -7.35 -13.91
N SER A 101 -43.60 -7.13 -13.96
CA SER A 101 -44.20 -6.47 -15.12
C SER A 101 -44.14 -4.95 -15.01
N ASP A 102 -44.24 -4.43 -13.79
CA ASP A 102 -44.54 -3.03 -13.56
C ASP A 102 -43.30 -2.24 -13.12
N ARG A 103 -43.54 -0.96 -12.84
CA ARG A 103 -42.49 0.01 -12.51
C ARG A 103 -42.05 -0.10 -11.05
N ASN A 104 -43.00 -0.17 -10.12
CA ASN A 104 -42.74 -0.18 -8.68
C ASN A 104 -43.46 -1.39 -8.12
N PRO A 105 -42.79 -2.54 -8.04
CA PRO A 105 -43.48 -3.76 -7.63
C PRO A 105 -43.98 -3.67 -6.19
N PRO A 106 -45.11 -4.32 -5.88
CA PRO A 106 -45.72 -4.23 -4.54
C PRO A 106 -45.08 -5.21 -3.58
N ILE A 107 -43.79 -5.02 -3.34
CA ILE A 107 -42.99 -6.02 -2.61
C ILE A 107 -43.56 -6.23 -1.22
N ASP A 108 -44.02 -5.15 -0.59
CA ASP A 108 -44.46 -5.24 0.80
C ASP A 108 -45.68 -6.13 0.96
N ASP A 109 -46.67 -6.00 0.06
CA ASP A 109 -47.83 -6.89 0.14
C ASP A 109 -47.43 -8.34 -0.10
N LEU A 110 -46.47 -8.58 -1.01
CA LEU A 110 -46.02 -9.94 -1.26
C LEU A 110 -45.37 -10.54 -0.01
N ILE A 111 -44.51 -9.76 0.66
CA ILE A 111 -43.86 -10.27 1.87
C ILE A 111 -44.88 -10.49 2.97
N LYS A 112 -45.82 -9.55 3.12
CA LYS A 112 -46.87 -9.67 4.13
C LYS A 112 -47.77 -10.86 3.87
N SER A 113 -47.89 -11.29 2.61
CA SER A 113 -48.80 -12.36 2.22
C SER A 113 -48.30 -13.75 2.58
N GLY A 114 -47.06 -13.88 3.06
CA GLY A 114 -46.54 -15.18 3.40
C GLY A 114 -46.18 -16.08 2.23
N ILE A 115 -45.99 -15.51 1.04
CA ILE A 115 -45.49 -16.31 -0.08
C ILE A 115 -43.98 -16.51 -0.02
N LEU A 116 -43.27 -15.79 0.86
CA LEU A 116 -41.82 -15.96 0.97
C LEU A 116 -41.39 -17.39 1.27
N PRO A 117 -41.82 -18.02 2.36
CA PRO A 117 -41.33 -19.39 2.62
C PRO A 117 -41.69 -20.36 1.52
N ILE A 118 -42.82 -20.15 0.84
CA ILE A 118 -43.18 -21.02 -0.28
C ILE A 118 -42.17 -20.90 -1.41
N LEU A 119 -41.80 -19.67 -1.77
CA LEU A 119 -40.83 -19.49 -2.86
C LEU A 119 -39.45 -20.02 -2.45
N VAL A 120 -39.10 -19.86 -1.17
CA VAL A 120 -37.83 -20.40 -0.71
C VAL A 120 -37.82 -21.93 -0.82
N HIS A 121 -38.92 -22.58 -0.42
CA HIS A 121 -39.06 -24.01 -0.68
C HIS A 121 -38.93 -24.32 -2.17
N CYS A 122 -39.57 -23.52 -3.02
CA CYS A 122 -39.48 -23.77 -4.44
C CYS A 122 -38.04 -23.79 -4.92
N LEU A 123 -37.17 -23.00 -4.28
CA LEU A 123 -35.77 -22.96 -4.71
C LEU A 123 -35.09 -24.33 -4.64
N GLU A 124 -35.58 -25.25 -3.81
CA GLU A 124 -34.88 -26.50 -3.53
C GLU A 124 -35.47 -27.67 -4.31
N ARG A 125 -36.35 -27.38 -5.27
CA ARG A 125 -37.09 -28.40 -6.01
C ARG A 125 -36.34 -28.78 -7.29
N ASP A 126 -35.37 -29.67 -7.13
CA ASP A 126 -34.50 -30.10 -8.22
C ASP A 126 -35.26 -30.86 -9.29
N ASP A 127 -36.49 -31.28 -9.01
CA ASP A 127 -37.26 -32.00 -10.02
C ASP A 127 -37.99 -31.07 -10.98
N ASN A 128 -38.21 -29.81 -10.61
CA ASN A 128 -39.02 -28.91 -11.42
C ASN A 128 -38.25 -27.62 -11.64
N PRO A 129 -37.30 -27.62 -12.58
CA PRO A 129 -36.42 -26.45 -12.74
C PRO A 129 -37.19 -25.18 -13.05
N SER A 130 -38.30 -25.28 -13.76
CA SER A 130 -39.10 -24.11 -14.08
C SER A 130 -39.65 -23.48 -12.80
N LEU A 131 -40.07 -24.34 -11.86
CA LEU A 131 -40.52 -23.84 -10.56
C LEU A 131 -39.40 -23.13 -9.80
N GLN A 132 -38.20 -23.72 -9.80
CA GLN A 132 -37.03 -23.07 -9.21
C GLN A 132 -36.78 -21.71 -9.84
N PHE A 133 -36.79 -21.67 -11.18
CA PHE A 133 -36.51 -20.44 -11.91
C PHE A 133 -37.52 -19.35 -11.58
N GLU A 134 -38.81 -19.70 -11.61
CA GLU A 134 -39.85 -18.73 -11.29
C GLU A 134 -39.74 -18.23 -9.86
N ALA A 135 -39.54 -19.14 -8.90
CA ALA A 135 -39.37 -18.72 -7.51
C ALA A 135 -38.15 -17.81 -7.36
N ALA A 136 -37.04 -18.18 -8.00
CA ALA A 136 -35.81 -17.41 -7.88
C ALA A 136 -35.97 -16.02 -8.45
N TRP A 137 -36.68 -15.90 -9.57
CA TRP A 137 -36.89 -14.56 -10.15
C TRP A 137 -37.92 -13.75 -9.38
N ALA A 138 -38.93 -14.40 -8.80
CA ALA A 138 -39.76 -13.69 -7.83
C ALA A 138 -38.91 -13.12 -6.70
N LEU A 139 -38.12 -13.99 -6.05
CA LEU A 139 -37.30 -13.55 -4.92
C LEU A 139 -36.25 -12.53 -5.34
N THR A 140 -35.71 -12.67 -6.55
CA THR A 140 -34.79 -11.68 -7.07
C THR A 140 -35.41 -10.31 -7.07
N ASN A 141 -36.64 -10.22 -7.59
CA ASN A 141 -37.29 -8.91 -7.58
C ASN A 141 -37.66 -8.46 -6.16
N ILE A 142 -37.95 -9.39 -5.24
CA ILE A 142 -38.18 -8.93 -3.87
C ILE A 142 -36.90 -8.32 -3.29
N ALA A 143 -35.76 -8.98 -3.51
CA ALA A 143 -34.49 -8.51 -2.96
C ALA A 143 -33.86 -7.43 -3.82
N SER A 144 -34.56 -6.97 -4.86
CA SER A 144 -34.12 -5.79 -5.61
C SER A 144 -34.66 -4.51 -5.00
N GLY A 145 -35.30 -4.59 -3.83
CA GLY A 145 -35.98 -3.45 -3.24
C GLY A 145 -35.25 -2.80 -2.09
N THR A 146 -35.99 -2.45 -1.03
CA THR A 146 -35.43 -1.71 0.09
C THR A 146 -34.53 -2.63 0.93
N SER A 147 -33.83 -2.02 1.90
CA SER A 147 -32.91 -2.79 2.74
C SER A 147 -33.67 -3.86 3.51
N GLU A 148 -34.82 -3.48 4.11
CA GLU A 148 -35.59 -4.50 4.83
C GLU A 148 -36.19 -5.51 3.86
N GLN A 149 -36.52 -5.09 2.64
CA GLN A 149 -37.01 -6.03 1.63
C GLN A 149 -35.95 -7.06 1.27
N THR A 150 -34.67 -6.64 1.16
CA THR A 150 -33.62 -7.61 0.94
C THR A 150 -33.43 -8.51 2.17
N GLN A 151 -33.49 -7.92 3.36
CA GLN A 151 -33.40 -8.73 4.57
C GLN A 151 -34.56 -9.71 4.71
N ALA A 152 -35.72 -9.41 4.13
CA ALA A 152 -36.80 -10.39 4.14
C ALA A 152 -36.37 -11.67 3.44
N VAL A 153 -35.76 -11.54 2.26
CA VAL A 153 -35.25 -12.71 1.55
C VAL A 153 -34.13 -13.37 2.33
N VAL A 154 -33.19 -12.57 2.85
CA VAL A 154 -32.05 -13.14 3.56
C VAL A 154 -32.51 -13.92 4.79
N GLN A 155 -33.33 -13.29 5.62
CA GLN A 155 -33.82 -13.92 6.84
C GLN A 155 -34.79 -15.04 6.56
N SER A 156 -35.35 -15.11 5.33
CA SER A 156 -35.96 -16.37 4.90
C SER A 156 -34.92 -17.46 4.71
N ASN A 157 -33.64 -17.11 4.85
CA ASN A 157 -32.51 -18.04 4.84
C ASN A 157 -32.47 -18.81 3.53
N ALA A 158 -32.40 -18.05 2.44
CA ALA A 158 -32.38 -18.60 1.08
C ALA A 158 -31.02 -18.50 0.41
N VAL A 159 -30.08 -17.74 0.99
CA VAL A 159 -28.79 -17.54 0.34
C VAL A 159 -28.09 -18.87 0.09
N PRO A 160 -28.05 -19.81 1.04
CA PRO A 160 -27.44 -21.12 0.73
C PRO A 160 -28.17 -21.84 -0.39
N LEU A 161 -29.50 -21.66 -0.50
CA LEU A 161 -30.24 -22.27 -1.60
C LEU A 161 -29.82 -21.70 -2.95
N PHE A 162 -29.69 -20.38 -3.06
CA PHE A 162 -29.18 -19.82 -4.31
C PHE A 162 -27.78 -20.38 -4.60
N LEU A 163 -26.95 -20.46 -3.57
CA LEU A 163 -25.60 -21.00 -3.74
C LEU A 163 -25.64 -22.42 -4.28
N ARG A 164 -26.60 -23.21 -3.80
CA ARG A 164 -26.74 -24.57 -4.30
C ARG A 164 -27.23 -24.57 -5.74
N LEU A 165 -28.12 -23.63 -6.08
CA LEU A 165 -28.60 -23.46 -7.45
C LEU A 165 -27.50 -23.06 -8.43
N LEU A 166 -26.43 -22.45 -7.92
CA LEU A 166 -25.29 -22.13 -8.79
C LEU A 166 -24.71 -23.36 -9.48
N HIS A 167 -24.96 -24.55 -8.94
CA HIS A 167 -24.41 -25.77 -9.50
C HIS A 167 -25.44 -26.53 -10.33
N SER A 168 -26.58 -25.92 -10.62
CA SER A 168 -27.61 -26.60 -11.40
C SER A 168 -27.14 -26.84 -12.83
N PRO A 169 -27.61 -27.93 -13.44
CA PRO A 169 -27.32 -28.17 -14.87
C PRO A 169 -28.17 -27.36 -15.85
N HIS A 170 -28.89 -26.34 -15.38
CA HIS A 170 -29.74 -25.52 -16.24
C HIS A 170 -29.23 -24.09 -16.21
N GLN A 171 -28.88 -23.55 -17.40
CA GLN A 171 -28.30 -22.21 -17.45
C GLN A 171 -29.21 -21.18 -16.79
N ASN A 172 -30.51 -21.20 -17.08
CA ASN A 172 -31.38 -20.15 -16.57
C ASN A 172 -31.48 -20.18 -15.05
N VAL A 173 -31.45 -21.37 -14.44
CA VAL A 173 -31.46 -21.43 -12.98
C VAL A 173 -30.18 -20.83 -12.41
N CYS A 174 -29.03 -21.14 -13.02
CA CYS A 174 -27.78 -20.53 -12.59
CA CYS A 174 -27.78 -20.54 -12.57
C CYS A 174 -27.82 -19.02 -12.73
N GLU A 175 -28.35 -18.55 -13.85
CA GLU A 175 -28.41 -17.12 -14.12
C GLU A 175 -29.27 -16.43 -13.07
N GLN A 176 -30.39 -17.03 -12.72
CA GLN A 176 -31.25 -16.35 -11.77
C GLN A 176 -30.67 -16.42 -10.37
N ALA A 177 -30.01 -17.53 -10.03
CA ALA A 177 -29.33 -17.59 -8.74
C ALA A 177 -28.23 -16.54 -8.64
N VAL A 178 -27.45 -16.38 -9.71
CA VAL A 178 -26.41 -15.35 -9.76
C VAL A 178 -27.03 -13.97 -9.63
N TRP A 179 -28.13 -13.73 -10.34
CA TRP A 179 -28.77 -12.41 -10.28
C TRP A 179 -29.20 -12.10 -8.85
N ALA A 180 -29.90 -13.06 -8.22
CA ALA A 180 -30.42 -12.85 -6.87
C ALA A 180 -29.29 -12.61 -5.88
N LEU A 181 -28.24 -13.42 -5.96
CA LEU A 181 -27.11 -13.21 -5.08
C LEU A 181 -26.51 -11.83 -5.31
N GLY A 182 -26.41 -11.40 -6.57
CA GLY A 182 -25.92 -10.06 -6.86
C GLY A 182 -26.74 -8.98 -6.19
N ASN A 183 -28.07 -9.10 -6.23
CA ASN A 183 -28.88 -8.13 -5.51
C ASN A 183 -28.62 -8.17 -4.00
N ILE A 184 -28.41 -9.36 -3.43
CA ILE A 184 -28.14 -9.44 -1.99
C ILE A 184 -26.79 -8.81 -1.66
N ILE A 185 -25.75 -9.17 -2.42
CA ILE A 185 -24.40 -8.66 -2.19
C ILE A 185 -24.35 -7.15 -2.33
N GLY A 186 -25.14 -6.61 -3.27
CA GLY A 186 -25.16 -5.19 -3.53
C GLY A 186 -25.80 -4.36 -2.45
N ASP A 187 -26.45 -4.99 -1.47
CA ASP A 187 -27.15 -4.25 -0.42
C ASP A 187 -26.15 -3.50 0.47
N GLY A 188 -25.15 -4.20 0.98
CA GLY A 188 -24.22 -3.58 1.90
C GLY A 188 -22.99 -4.42 2.18
N PRO A 189 -22.04 -3.85 2.93
CA PRO A 189 -20.82 -4.63 3.26
C PRO A 189 -21.13 -5.88 4.06
N GLN A 190 -22.12 -5.80 4.96
CA GLN A 190 -22.46 -6.95 5.79
C GLN A 190 -22.94 -8.11 4.95
N CYS A 191 -23.89 -7.84 4.05
CA CYS A 191 -24.44 -8.90 3.23
C CYS A 191 -23.41 -9.41 2.23
N ARG A 192 -22.57 -8.52 1.71
CA ARG A 192 -21.49 -8.95 0.83
C ARG A 192 -20.57 -9.92 1.55
N ASP A 193 -20.13 -9.57 2.75
CA ASP A 193 -19.24 -10.47 3.49
C ASP A 193 -19.93 -11.78 3.84
N TYR A 194 -21.21 -11.72 4.23
CA TYR A 194 -21.97 -12.95 4.50
C TYR A 194 -22.01 -13.85 3.28
N VAL A 195 -22.40 -13.31 2.13
CA VAL A 195 -22.51 -14.14 0.92
C VAL A 195 -21.14 -14.71 0.55
N ILE A 196 -20.08 -13.92 0.72
CA ILE A 196 -18.73 -14.44 0.48
C ILE A 196 -18.44 -15.62 1.40
N SER A 197 -18.79 -15.47 2.69
CA SER A 197 -18.42 -16.46 3.70
C SER A 197 -19.01 -17.85 3.45
N LEU A 198 -20.09 -17.94 2.68
CA LEU A 198 -20.66 -19.22 2.29
C LEU A 198 -20.09 -19.76 0.99
N GLY A 199 -19.06 -19.09 0.44
CA GLY A 199 -18.29 -19.60 -0.69
C GLY A 199 -18.84 -19.30 -2.07
N VAL A 200 -19.24 -18.05 -2.31
CA VAL A 200 -19.88 -17.69 -3.57
C VAL A 200 -18.86 -17.48 -4.68
N VAL A 201 -17.63 -17.07 -4.34
CA VAL A 201 -16.76 -16.47 -5.35
C VAL A 201 -16.24 -17.53 -6.31
N LYS A 202 -15.80 -18.68 -5.80
CA LYS A 202 -15.23 -19.68 -6.71
C LYS A 202 -16.26 -20.23 -7.69
N PRO A 203 -17.46 -20.65 -7.28
CA PRO A 203 -18.47 -21.01 -8.30
C PRO A 203 -18.87 -19.86 -9.20
N LEU A 204 -18.97 -18.63 -8.67
CA LEU A 204 -19.33 -17.50 -9.52
C LEU A 204 -18.31 -17.29 -10.62
N LEU A 205 -17.02 -17.35 -10.27
CA LEU A 205 -15.95 -17.13 -11.21
C LEU A 205 -15.75 -18.30 -12.15
N SER A 206 -16.24 -19.50 -11.80
CA SER A 206 -16.09 -20.61 -12.74
C SER A 206 -16.93 -20.39 -14.00
N PHE A 207 -18.03 -19.63 -13.91
CA PHE A 207 -18.91 -19.48 -15.07
C PHE A 207 -18.21 -18.81 -16.24
N ILE A 208 -17.19 -18.00 -15.97
CA ILE A 208 -16.44 -17.31 -17.02
C ILE A 208 -15.80 -18.34 -17.92
N SER A 209 -16.28 -18.42 -19.15
CA SER A 209 -15.82 -19.41 -20.12
C SER A 209 -16.04 -18.86 -21.51
N PRO A 210 -15.17 -19.18 -22.47
CA PRO A 210 -15.37 -18.67 -23.84
C PRO A 210 -16.67 -19.16 -24.47
N SER A 211 -17.30 -20.17 -23.87
CA SER A 211 -18.50 -20.82 -24.38
C SER A 211 -19.74 -20.45 -23.57
N ILE A 212 -19.84 -19.18 -23.17
CA ILE A 212 -20.90 -18.70 -22.29
C ILE A 212 -21.82 -17.73 -23.04
N PRO A 213 -23.13 -17.73 -22.78
CA PRO A 213 -23.98 -16.66 -23.32
C PRO A 213 -23.57 -15.31 -22.73
N ILE A 214 -23.64 -14.28 -23.57
CA ILE A 214 -23.17 -12.95 -23.15
C ILE A 214 -24.18 -12.27 -22.23
N THR A 215 -25.48 -12.49 -22.44
CA THR A 215 -26.50 -11.94 -21.55
C THR A 215 -26.24 -12.35 -20.10
N PHE A 216 -25.62 -13.51 -19.92
CA PHE A 216 -25.30 -14.13 -18.65
C PHE A 216 -23.93 -13.71 -18.13
N LEU A 217 -22.95 -13.60 -19.03
CA LEU A 217 -21.64 -13.11 -18.64
C LEU A 217 -21.75 -11.72 -18.04
N ARG A 218 -22.65 -10.90 -18.59
CA ARG A 218 -22.84 -9.55 -18.04
C ARG A 218 -23.37 -9.58 -16.62
N ASN A 219 -24.30 -10.50 -16.33
CA ASN A 219 -24.81 -10.63 -14.97
C ASN A 219 -23.70 -11.08 -14.02
N VAL A 220 -22.85 -12.00 -14.47
CA VAL A 220 -21.70 -12.42 -13.66
C VAL A 220 -20.79 -11.23 -13.36
N THR A 221 -20.47 -10.42 -14.37
CA THR A 221 -19.59 -9.28 -14.13
C THR A 221 -20.24 -8.26 -13.21
N TRP A 222 -21.56 -8.08 -13.35
CA TRP A 222 -22.29 -7.23 -12.41
C TRP A 222 -22.12 -7.71 -10.97
N VAL A 223 -22.30 -9.00 -10.74
CA VAL A 223 -22.16 -9.53 -9.39
C VAL A 223 -20.73 -9.32 -8.89
N MET A 224 -19.75 -9.43 -9.80
CA MET A 224 -18.37 -9.15 -9.44
C MET A 224 -18.20 -7.70 -8.97
N VAL A 225 -18.82 -6.76 -9.69
CA VAL A 225 -18.76 -5.38 -9.24
C VAL A 225 -19.32 -5.25 -7.84
N ASN A 226 -20.47 -5.89 -7.58
CA ASN A 226 -21.03 -5.85 -6.23
C ASN A 226 -20.09 -6.47 -5.20
N LEU A 227 -19.31 -7.47 -5.59
CA LEU A 227 -18.32 -8.02 -4.66
C LEU A 227 -17.22 -7.01 -4.35
N CYS A 228 -16.95 -6.09 -5.27
CA CYS A 228 -15.83 -5.16 -5.11
C CYS A 228 -16.18 -3.86 -4.37
N ARG A 229 -17.42 -3.68 -3.91
CA ARG A 229 -17.90 -2.39 -3.44
C ARG A 229 -17.85 -2.23 -1.92
N HIS A 230 -18.39 -1.11 -1.43
CA HIS A 230 -18.54 -0.80 0.00
C HIS A 230 -17.25 -0.69 0.83
N LYS A 231 -16.58 0.46 0.74
CA LYS A 231 -15.28 0.68 1.38
C LYS A 231 -15.19 0.35 2.88
N ASP A 232 -16.29 0.18 3.60
CA ASP A 232 -16.19 0.01 5.06
C ASP A 232 -17.04 -1.13 5.60
N PRO A 233 -16.44 -2.28 5.94
CA PRO A 233 -15.03 -2.59 5.67
C PRO A 233 -14.88 -3.06 4.23
N PRO A 234 -13.71 -2.85 3.63
CA PRO A 234 -13.51 -3.26 2.25
C PRO A 234 -13.65 -4.78 2.12
N PRO A 235 -13.83 -5.31 0.92
CA PRO A 235 -14.02 -6.75 0.77
C PRO A 235 -12.78 -7.49 1.21
N PRO A 236 -12.91 -8.77 1.59
CA PRO A 236 -11.76 -9.52 2.11
C PRO A 236 -10.62 -9.59 1.10
N MET A 237 -9.38 -9.52 1.63
CA MET A 237 -8.19 -9.57 0.79
C MET A 237 -8.13 -10.86 0.00
N GLU A 238 -8.51 -11.97 0.63
CA GLU A 238 -8.58 -13.26 -0.04
C GLU A 238 -9.46 -13.15 -1.28
N THR A 239 -10.64 -12.55 -1.13
CA THR A 239 -11.62 -12.47 -2.20
C THR A 239 -11.15 -11.54 -3.32
N ILE A 240 -10.47 -10.44 -2.96
CA ILE A 240 -9.96 -9.51 -3.96
C ILE A 240 -8.91 -10.19 -4.84
N GLN A 241 -7.99 -10.93 -4.21
CA GLN A 241 -6.98 -11.59 -5.03
C GLN A 241 -7.52 -12.83 -5.73
N GLU A 242 -8.69 -13.33 -5.30
CA GLU A 242 -9.40 -14.34 -6.10
C GLU A 242 -10.02 -13.71 -7.34
N ILE A 243 -10.60 -12.52 -7.20
CA ILE A 243 -11.30 -11.86 -8.30
C ILE A 243 -10.35 -11.35 -9.37
N LEU A 244 -9.24 -10.73 -8.97
CA LEU A 244 -8.39 -10.02 -9.94
C LEU A 244 -7.97 -10.83 -11.16
N PRO A 245 -7.60 -12.12 -11.08
CA PRO A 245 -7.33 -12.87 -12.33
C PRO A 245 -8.51 -12.90 -13.28
N ALA A 246 -9.73 -13.01 -12.73
CA ALA A 246 -10.93 -12.97 -13.57
C ALA A 246 -11.03 -11.64 -14.29
N LEU A 247 -10.65 -10.55 -13.61
CA LEU A 247 -10.71 -9.23 -14.23
C LEU A 247 -9.62 -9.07 -15.31
N CYS A 248 -8.42 -9.63 -15.09
CA CYS A 248 -7.42 -9.66 -16.16
C CYS A 248 -7.95 -10.36 -17.41
N VAL A 249 -8.74 -11.42 -17.24
CA VAL A 249 -9.34 -12.01 -18.44
C VAL A 249 -10.41 -11.09 -19.04
N LEU A 250 -11.32 -10.58 -18.21
CA LEU A 250 -12.48 -9.84 -18.71
C LEU A 250 -12.15 -8.49 -19.31
N ILE A 251 -11.00 -7.87 -18.95
CA ILE A 251 -10.68 -6.56 -19.48
C ILE A 251 -10.29 -6.59 -20.95
N HIS A 252 -10.03 -7.77 -21.50
CA HIS A 252 -9.69 -7.93 -22.90
C HIS A 252 -10.89 -8.20 -23.77
N HIS A 253 -12.09 -8.23 -23.20
CA HIS A 253 -13.27 -8.63 -23.95
C HIS A 253 -13.67 -7.51 -24.92
N THR A 254 -14.57 -7.82 -25.85
CA THR A 254 -14.98 -6.82 -26.83
C THR A 254 -16.32 -6.14 -26.50
N ASP A 255 -17.18 -6.77 -25.70
CA ASP A 255 -18.44 -6.15 -25.33
C ASP A 255 -18.25 -4.92 -24.43
N VAL A 256 -19.00 -3.86 -24.74
CA VAL A 256 -18.92 -2.62 -23.98
C VAL A 256 -19.39 -2.83 -22.55
N ASN A 257 -20.52 -3.53 -22.36
CA ASN A 257 -21.04 -3.71 -21.01
C ASN A 257 -20.03 -4.44 -20.14
N ILE A 258 -19.39 -5.47 -20.69
CA ILE A 258 -18.39 -6.23 -19.95
C ILE A 258 -17.25 -5.33 -19.49
N LEU A 259 -16.72 -4.52 -20.40
CA LEU A 259 -15.62 -3.63 -20.05
C LEU A 259 -16.03 -2.57 -19.03
N VAL A 260 -17.19 -1.95 -19.21
CA VAL A 260 -17.62 -0.94 -18.26
C VAL A 260 -17.73 -1.53 -16.86
N ASP A 261 -18.31 -2.74 -16.75
CA ASP A 261 -18.42 -3.36 -15.43
C ASP A 261 -17.06 -3.77 -14.89
N THR A 262 -16.18 -4.32 -15.74
CA THR A 262 -14.84 -4.71 -15.32
C THR A 262 -14.08 -3.52 -14.75
N VAL A 263 -14.13 -2.40 -15.48
CA VAL A 263 -13.35 -1.24 -15.08
C VAL A 263 -13.97 -0.56 -13.87
N TRP A 264 -15.31 -0.61 -13.71
CA TRP A 264 -15.88 -0.12 -12.45
C TRP A 264 -15.50 -0.99 -11.26
N ALA A 265 -15.42 -2.31 -11.46
CA ALA A 265 -14.88 -3.16 -10.41
C ALA A 265 -13.48 -2.69 -10.00
N LEU A 266 -12.61 -2.45 -10.98
CA LEU A 266 -11.28 -1.94 -10.66
C LEU A 266 -11.36 -0.59 -9.95
N SER A 267 -12.27 0.28 -10.37
CA SER A 267 -12.38 1.59 -9.75
C SER A 267 -12.75 1.47 -8.28
N TYR A 268 -13.72 0.63 -7.96
CA TYR A 268 -14.08 0.37 -6.58
C TYR A 268 -12.87 -0.15 -5.79
N LEU A 269 -12.17 -1.15 -6.33
CA LEU A 269 -11.01 -1.69 -5.60
C LEU A 269 -9.98 -0.61 -5.34
N THR A 270 -9.55 0.11 -6.38
CA THR A 270 -8.53 1.13 -6.21
C THR A 270 -8.99 2.28 -5.32
N ASP A 271 -10.31 2.50 -5.22
CA ASP A 271 -10.80 3.47 -4.25
C ASP A 271 -10.70 2.94 -2.84
N ALA A 272 -10.66 1.61 -2.65
CA ALA A 272 -10.72 1.04 -1.30
C ALA A 272 -9.52 1.40 -0.44
N GLY A 273 -8.34 1.60 -1.02
CA GLY A 273 -7.20 1.98 -0.21
C GLY A 273 -5.89 1.45 -0.77
N ASN A 274 -4.79 1.96 -0.20
CA ASN A 274 -3.46 1.76 -0.79
C ASN A 274 -3.06 0.29 -0.88
N GLU A 275 -3.50 -0.52 0.08
CA GLU A 275 -3.21 -1.94 0.01
C GLU A 275 -3.93 -2.58 -1.17
N GLN A 276 -5.21 -2.25 -1.34
CA GLN A 276 -5.97 -2.77 -2.47
C GLN A 276 -5.46 -2.22 -3.79
N ILE A 277 -5.02 -0.95 -3.80
CA ILE A 277 -4.34 -0.40 -4.96
C ILE A 277 -3.11 -1.24 -5.28
N GLN A 278 -2.38 -1.67 -4.25
CA GLN A 278 -1.17 -2.44 -4.49
C GLN A 278 -1.52 -3.84 -5.01
N MET A 279 -2.64 -4.40 -4.57
CA MET A 279 -3.10 -5.67 -5.16
C MET A 279 -3.42 -5.50 -6.63
N VAL A 280 -4.08 -4.40 -6.98
CA VAL A 280 -4.42 -4.19 -8.38
C VAL A 280 -3.16 -4.02 -9.22
N ILE A 281 -2.17 -3.31 -8.67
CA ILE A 281 -0.89 -3.13 -9.38
C ILE A 281 -0.20 -4.47 -9.55
N ASP A 282 -0.22 -5.29 -8.49
CA ASP A 282 0.50 -6.57 -8.48
C ASP A 282 -0.15 -7.58 -9.40
N SER A 283 -1.42 -7.38 -9.76
CA SER A 283 -2.11 -8.28 -10.68
C SER A 283 -1.66 -8.04 -12.11
N GLY A 284 -0.85 -7.02 -12.36
CA GLY A 284 -0.35 -6.75 -13.69
C GLY A 284 -1.39 -6.20 -14.64
N ILE A 285 -2.50 -5.66 -14.12
CA ILE A 285 -3.60 -5.25 -14.96
C ILE A 285 -3.53 -3.78 -15.33
N VAL A 286 -2.74 -2.99 -14.61
CA VAL A 286 -2.63 -1.56 -14.91
C VAL A 286 -2.19 -1.31 -16.35
N PRO A 287 -1.21 -2.04 -16.91
CA PRO A 287 -0.88 -1.82 -18.33
C PRO A 287 -2.00 -2.16 -19.30
N HIS A 288 -2.99 -2.96 -18.90
CA HIS A 288 -4.14 -3.14 -19.75
C HIS A 288 -5.22 -2.10 -19.47
N LEU A 289 -5.14 -1.42 -18.32
CA LEU A 289 -6.14 -0.43 -17.95
C LEU A 289 -5.85 0.93 -18.57
N VAL A 290 -4.60 1.41 -18.43
CA VAL A 290 -4.27 2.74 -18.92
C VAL A 290 -4.67 2.97 -20.38
N PRO A 291 -4.41 2.06 -21.33
CA PRO A 291 -4.84 2.31 -22.72
C PRO A 291 -6.33 2.49 -22.90
N LEU A 292 -7.17 2.05 -21.94
CA LEU A 292 -8.59 2.28 -22.07
C LEU A 292 -8.98 3.74 -21.91
N LEU A 293 -8.05 4.61 -21.50
CA LEU A 293 -8.36 6.02 -21.37
C LEU A 293 -8.74 6.67 -22.70
N SER A 294 -8.18 6.19 -23.82
CA SER A 294 -8.52 6.71 -25.14
C SER A 294 -9.29 5.68 -25.96
N HIS A 295 -10.17 4.95 -25.30
CA HIS A 295 -11.08 3.99 -25.92
C HIS A 295 -12.20 4.72 -26.64
N GLN A 296 -12.83 4.02 -27.59
CA GLN A 296 -13.87 4.63 -28.42
C GLN A 296 -15.05 5.11 -27.59
N GLU A 297 -15.50 4.29 -26.66
CA GLU A 297 -16.74 4.55 -25.93
C GLU A 297 -16.49 5.46 -24.73
N VAL A 298 -17.45 6.34 -24.44
CA VAL A 298 -17.20 7.32 -23.39
C VAL A 298 -17.33 6.68 -22.02
N LYS A 299 -18.24 5.71 -21.86
CA LYS A 299 -18.37 5.03 -20.57
C LYS A 299 -17.09 4.30 -20.17
N VAL A 300 -16.49 3.56 -21.12
CA VAL A 300 -15.21 2.93 -20.83
C VAL A 300 -14.20 3.98 -20.40
N GLN A 301 -14.16 5.11 -21.12
CA GLN A 301 -13.20 6.16 -20.80
C GLN A 301 -13.40 6.74 -19.40
N THR A 302 -14.64 7.08 -19.05
CA THR A 302 -14.88 7.68 -17.74
C THR A 302 -14.52 6.70 -16.63
N ALA A 303 -14.95 5.43 -16.75
CA ALA A 303 -14.63 4.48 -15.70
C ALA A 303 -13.12 4.25 -15.60
N ALA A 304 -12.42 4.18 -16.72
CA ALA A 304 -10.98 3.97 -16.69
C ALA A 304 -10.27 5.16 -16.05
N LEU A 305 -10.74 6.39 -16.38
CA LEU A 305 -10.16 7.58 -15.77
C LEU A 305 -10.38 7.53 -14.28
N ARG A 306 -11.56 7.08 -13.84
CA ARG A 306 -11.81 6.98 -12.40
C ARG A 306 -10.84 6.01 -11.72
N ALA A 307 -10.66 4.83 -12.33
CA ALA A 307 -9.80 3.82 -11.74
C ALA A 307 -8.36 4.32 -11.60
N VAL A 308 -7.79 4.83 -12.71
CA VAL A 308 -6.40 5.26 -12.66
C VAL A 308 -6.23 6.53 -11.80
N GLY A 309 -7.25 7.39 -11.74
CA GLY A 309 -7.18 8.50 -10.80
C GLY A 309 -7.10 8.01 -9.37
N ASN A 310 -7.91 7.00 -9.04
CA ASN A 310 -7.83 6.41 -7.70
C ASN A 310 -6.45 5.84 -7.43
N ILE A 311 -5.85 5.18 -8.43
CA ILE A 311 -4.51 4.62 -8.21
C ILE A 311 -3.51 5.73 -7.92
N VAL A 312 -3.56 6.81 -8.69
CA VAL A 312 -2.55 7.87 -8.54
C VAL A 312 -2.86 8.71 -7.30
N THR A 313 -3.95 8.38 -6.60
CA THR A 313 -4.12 8.97 -5.27
C THR A 313 -3.15 8.41 -4.22
N GLY A 314 -2.45 7.31 -4.50
CA GLY A 314 -1.67 6.61 -3.50
C GLY A 314 -0.26 7.13 -3.24
N THR A 315 0.70 6.22 -3.16
CA THR A 315 2.09 6.60 -2.96
C THR A 315 2.70 7.07 -4.28
N ASP A 316 3.88 7.67 -4.18
CA ASP A 316 4.53 8.14 -5.40
C ASP A 316 4.96 6.98 -6.30
N GLU A 317 5.32 5.85 -5.71
CA GLU A 317 5.76 4.70 -6.52
C GLU A 317 4.59 4.04 -7.25
N GLN A 318 3.43 3.95 -6.60
CA GLN A 318 2.21 3.51 -7.27
C GLN A 318 1.83 4.46 -8.40
N THR A 319 1.81 5.75 -8.09
CA THR A 319 1.58 6.77 -9.10
C THR A 319 2.54 6.57 -10.26
N GLN A 320 3.79 6.20 -9.95
CA GLN A 320 4.80 6.03 -10.98
C GLN A 320 4.53 4.80 -11.83
N VAL A 321 3.92 3.75 -11.26
CA VAL A 321 3.50 2.63 -12.09
C VAL A 321 2.55 3.14 -13.17
N VAL A 322 1.57 3.94 -12.73
CA VAL A 322 0.62 4.48 -13.71
C VAL A 322 1.33 5.30 -14.77
N LEU A 323 2.24 6.19 -14.36
CA LEU A 323 2.95 7.02 -15.32
C LEU A 323 3.82 6.19 -16.28
N ASN A 324 4.44 5.12 -15.77
CA ASN A 324 5.23 4.24 -16.63
C ASN A 324 4.38 3.47 -17.62
N CYS A 325 3.08 3.33 -17.37
CA CYS A 325 2.24 2.82 -18.45
C CYS A 325 1.93 3.88 -19.49
N ASP A 326 2.66 4.99 -19.48
CA ASP A 326 2.53 6.08 -20.46
C ASP A 326 1.11 6.68 -20.40
N ALA A 327 0.64 6.94 -19.18
CA ALA A 327 -0.74 7.36 -18.99
C ALA A 327 -0.96 8.76 -19.53
N LEU A 328 0.04 9.64 -19.40
CA LEU A 328 -0.15 11.04 -19.74
C LEU A 328 -0.44 11.24 -21.23
N SER A 329 0.05 10.34 -22.09
CA SER A 329 -0.14 10.53 -23.53
C SER A 329 -1.62 10.48 -23.90
N HIS A 330 -2.46 9.94 -23.02
CA HIS A 330 -3.89 9.89 -23.29
C HIS A 330 -4.59 11.20 -22.94
N PHE A 331 -4.00 12.02 -22.06
CA PHE A 331 -4.84 13.07 -21.49
C PHE A 331 -5.15 14.28 -22.35
N PRO A 332 -4.28 14.73 -23.27
CA PRO A 332 -4.69 15.87 -24.10
C PRO A 332 -6.08 15.68 -24.70
N ALA A 333 -6.36 14.47 -25.20
CA ALA A 333 -7.71 14.17 -25.71
C ALA A 333 -8.76 14.34 -24.62
N LEU A 334 -8.40 14.03 -23.36
CA LEU A 334 -9.35 14.18 -22.26
C LEU A 334 -9.52 15.65 -21.89
N LEU A 335 -8.49 16.46 -22.12
CA LEU A 335 -8.55 17.87 -21.73
C LEU A 335 -9.31 18.69 -22.77
N THR A 336 -9.48 18.13 -23.95
CA THR A 336 -10.18 18.79 -25.07
C THR A 336 -11.49 18.06 -25.35
N HIS A 337 -11.88 17.10 -24.51
CA HIS A 337 -13.12 16.38 -24.73
C HIS A 337 -14.28 17.34 -24.51
N PRO A 338 -15.31 17.32 -25.37
CA PRO A 338 -16.43 18.24 -25.15
C PRO A 338 -17.14 18.06 -23.82
N LYS A 339 -17.28 16.82 -23.32
CA LYS A 339 -17.93 16.66 -22.03
C LYS A 339 -17.06 17.28 -20.95
N GLU A 340 -17.68 18.15 -20.14
CA GLU A 340 -16.92 18.99 -19.25
C GLU A 340 -16.56 18.28 -17.95
N LYS A 341 -17.36 17.30 -17.50
CA LYS A 341 -16.94 16.52 -16.33
C LYS A 341 -15.65 15.75 -16.61
N ILE A 342 -15.45 15.33 -17.87
CA ILE A 342 -14.21 14.63 -18.22
C ILE A 342 -13.03 15.57 -18.11
N ASN A 343 -13.15 16.79 -18.61
CA ASN A 343 -12.09 17.77 -18.41
C ASN A 343 -11.79 17.90 -16.94
N LYS A 344 -12.85 18.00 -16.13
CA LYS A 344 -12.72 18.25 -14.71
C LYS A 344 -11.96 17.13 -14.03
N GLU A 345 -12.34 15.86 -14.31
CA GLU A 345 -11.66 14.74 -13.68
C GLU A 345 -10.25 14.55 -14.22
N ALA A 346 -10.02 14.85 -15.49
CA ALA A 346 -8.67 14.73 -16.02
C ALA A 346 -7.73 15.72 -15.33
N VAL A 347 -8.22 16.93 -15.07
CA VAL A 347 -7.40 17.89 -14.35
C VAL A 347 -7.27 17.48 -12.87
N TRP A 348 -8.29 16.80 -12.32
CA TRP A 348 -8.13 16.17 -11.01
C TRP A 348 -6.95 15.20 -11.00
N PHE A 349 -6.93 14.28 -11.96
CA PHE A 349 -5.81 13.34 -12.11
C PHE A 349 -4.50 14.09 -12.12
N LEU A 350 -4.43 15.12 -12.96
CA LEU A 350 -3.21 15.87 -13.12
C LEU A 350 -2.80 16.57 -11.83
N SER A 351 -3.78 17.03 -11.05
CA SER A 351 -3.46 17.67 -9.77
C SER A 351 -2.82 16.66 -8.83
N ASN A 352 -3.32 15.43 -8.84
CA ASN A 352 -2.65 14.38 -8.07
C ASN A 352 -1.25 14.09 -8.61
N ILE A 353 -1.02 14.24 -9.92
CA ILE A 353 0.32 13.98 -10.43
C ILE A 353 1.30 15.09 -10.05
N THR A 354 0.88 16.36 -10.19
CA THR A 354 1.75 17.48 -9.82
C THR A 354 2.01 17.54 -8.33
N ALA A 355 1.25 16.81 -7.52
CA ALA A 355 1.51 16.74 -6.09
C ALA A 355 2.66 15.80 -5.75
N GLY A 356 3.22 15.10 -6.74
CA GLY A 356 4.28 14.14 -6.49
C GLY A 356 5.67 14.72 -6.37
N ASN A 357 6.65 14.02 -6.95
CA ASN A 357 8.04 14.42 -6.86
C ASN A 357 8.40 15.26 -8.09
N GLN A 358 9.68 15.59 -8.24
CA GLN A 358 10.08 16.50 -9.32
C GLN A 358 10.01 15.81 -10.68
N GLN A 359 10.36 14.53 -10.75
CA GLN A 359 10.31 13.83 -12.03
C GLN A 359 8.88 13.68 -12.53
N GLN A 360 7.93 13.53 -11.63
CA GLN A 360 6.52 13.45 -12.03
C GLN A 360 5.99 14.78 -12.54
N VAL A 361 6.34 15.87 -11.87
CA VAL A 361 6.05 17.20 -12.42
C VAL A 361 6.68 17.35 -13.81
N GLN A 362 7.89 16.83 -13.98
CA GLN A 362 8.54 16.93 -15.28
C GLN A 362 7.81 16.11 -16.32
N ALA A 363 7.25 14.96 -15.94
CA ALA A 363 6.43 14.19 -16.88
C ALA A 363 5.20 14.97 -17.29
N VAL A 364 4.55 15.65 -16.33
CA VAL A 364 3.44 16.54 -16.67
C VAL A 364 3.90 17.58 -17.69
N ILE A 365 5.06 18.19 -17.45
CA ILE A 365 5.56 19.24 -18.33
C ILE A 365 5.87 18.67 -19.72
N ASP A 366 6.64 17.58 -19.77
CA ASP A 366 7.09 17.02 -21.04
C ASP A 366 5.93 16.45 -21.84
N ALA A 367 4.79 16.20 -21.21
CA ALA A 367 3.65 15.77 -22.00
C ALA A 367 2.91 16.93 -22.66
N ASN A 368 3.42 18.16 -22.51
CA ASN A 368 2.85 19.39 -23.06
C ASN A 368 1.51 19.74 -22.43
N LEU A 369 1.22 19.19 -21.26
CA LEU A 369 -0.06 19.41 -20.58
C LEU A 369 -0.11 20.73 -19.83
N VAL A 370 1.04 21.38 -19.65
CA VAL A 370 1.06 22.66 -18.94
C VAL A 370 0.25 23.73 -19.68
N PRO A 371 0.46 23.96 -20.99
CA PRO A 371 -0.39 24.96 -21.67
C PRO A 371 -1.86 24.63 -21.62
N MET A 372 -2.21 23.35 -21.72
CA MET A 372 -3.62 22.98 -21.70
C MET A 372 -4.23 23.21 -20.33
N ILE A 373 -3.49 22.91 -19.27
CA ILE A 373 -3.99 23.18 -17.92
C ILE A 373 -4.19 24.68 -17.71
N ILE A 374 -3.24 25.49 -18.18
CA ILE A 374 -3.40 26.94 -18.05
C ILE A 374 -4.59 27.42 -18.88
N HIS A 375 -4.79 26.81 -20.05
CA HIS A 375 -5.91 27.16 -20.91
C HIS A 375 -7.24 26.89 -20.20
N LEU A 376 -7.36 25.69 -19.62
CA LEU A 376 -8.57 25.34 -18.87
C LEU A 376 -8.74 26.21 -17.63
N LEU A 377 -7.62 26.64 -17.04
CA LEU A 377 -7.65 27.61 -15.95
C LEU A 377 -8.26 28.93 -16.40
N ASP A 378 -7.92 29.35 -17.63
CA ASP A 378 -8.35 30.64 -18.12
C ASP A 378 -9.83 30.62 -18.52
N LYS A 379 -10.19 29.72 -19.45
CA LYS A 379 -11.44 29.83 -20.19
C LYS A 379 -12.54 28.86 -19.79
N GLY A 380 -12.25 27.89 -18.92
CA GLY A 380 -13.24 26.89 -18.52
C GLY A 380 -14.32 27.45 -17.62
N ASP A 381 -15.21 26.57 -17.16
CA ASP A 381 -16.19 27.01 -16.17
C ASP A 381 -15.51 27.08 -14.81
N PHE A 382 -16.30 27.36 -13.77
CA PHE A 382 -15.75 27.40 -12.41
C PHE A 382 -15.28 26.03 -11.96
N GLY A 383 -16.06 24.98 -12.24
CA GLY A 383 -15.72 23.65 -11.75
C GLY A 383 -14.37 23.16 -12.22
N THR A 384 -14.06 23.39 -13.51
CA THR A 384 -12.77 22.98 -14.06
C THR A 384 -11.64 23.91 -13.64
N GLN A 385 -11.92 25.21 -13.56
CA GLN A 385 -10.91 26.17 -13.10
C GLN A 385 -10.44 25.86 -11.69
N LYS A 386 -11.34 25.38 -10.83
CA LYS A 386 -10.92 24.94 -9.49
C LYS A 386 -9.83 23.88 -9.59
N GLU A 387 -10.03 22.88 -10.46
CA GLU A 387 -9.09 21.77 -10.54
C GLU A 387 -7.78 22.23 -11.16
N ALA A 388 -7.87 23.14 -12.14
CA ALA A 388 -6.66 23.72 -12.70
C ALA A 388 -5.89 24.47 -11.63
N ALA A 389 -6.61 25.18 -10.75
CA ALA A 389 -5.95 25.93 -9.68
C ALA A 389 -5.23 24.99 -8.72
N TRP A 390 -5.86 23.88 -8.36
CA TRP A 390 -5.16 22.87 -7.56
C TRP A 390 -3.91 22.37 -8.29
N ALA A 391 -4.02 22.08 -9.58
CA ALA A 391 -2.85 21.59 -10.30
C ALA A 391 -1.71 22.59 -10.25
N ILE A 392 -2.02 23.87 -10.48
CA ILE A 392 -1.00 24.90 -10.49
C ILE A 392 -0.37 25.05 -9.11
N SER A 393 -1.21 25.12 -8.07
CA SER A 393 -0.69 25.30 -6.71
C SER A 393 0.15 24.12 -6.27
N ASN A 394 -0.29 22.90 -6.59
CA ASN A 394 0.49 21.73 -6.21
C ASN A 394 1.81 21.70 -6.96
N LEU A 395 1.84 22.22 -8.19
CA LEU A 395 3.12 22.29 -8.88
C LEU A 395 4.02 23.35 -8.25
N THR A 396 3.44 24.45 -7.76
CA THR A 396 4.25 25.46 -7.06
C THR A 396 4.83 24.88 -5.78
N ILE A 397 4.07 24.00 -5.11
CA ILE A 397 4.58 23.34 -3.90
C ILE A 397 5.68 22.34 -4.26
N SER A 398 5.49 21.57 -5.33
CA SER A 398 6.32 20.40 -5.59
C SER A 398 7.52 20.64 -6.50
N GLY A 399 7.55 21.76 -7.26
CA GLY A 399 8.44 21.88 -8.40
C GLY A 399 9.85 22.40 -8.10
N ARG A 400 10.66 22.43 -9.17
CA ARG A 400 12.03 22.93 -9.18
C ARG A 400 12.13 24.39 -9.61
N LYS A 401 13.38 24.82 -9.82
CA LYS A 401 13.76 26.10 -10.38
C LYS A 401 13.15 26.25 -11.77
N ASP A 402 13.68 25.43 -12.69
CA ASP A 402 13.33 25.47 -14.10
C ASP A 402 11.90 25.05 -14.38
N GLN A 403 11.27 24.29 -13.49
CA GLN A 403 9.89 23.87 -13.73
C GLN A 403 8.91 25.02 -13.52
N VAL A 404 9.00 25.71 -12.37
CA VAL A 404 8.20 26.91 -12.19
C VAL A 404 8.59 27.97 -13.21
N ALA A 405 9.87 27.99 -13.63
CA ALA A 405 10.28 28.88 -14.70
C ALA A 405 9.58 28.57 -16.02
N TYR A 406 9.46 27.29 -16.37
CA TYR A 406 8.71 26.88 -17.56
C TYR A 406 7.24 27.26 -17.43
N LEU A 407 6.67 27.07 -16.24
CA LEU A 407 5.31 27.49 -15.98
C LEU A 407 5.12 28.98 -16.23
N ILE A 408 6.08 29.80 -15.82
CA ILE A 408 5.99 31.22 -16.10
C ILE A 408 6.14 31.50 -17.60
N GLN A 409 7.09 30.83 -18.26
CA GLN A 409 7.27 30.98 -19.70
C GLN A 409 5.98 30.64 -20.45
N GLN A 410 5.14 29.79 -19.88
CA GLN A 410 3.82 29.50 -20.44
C GLN A 410 2.74 30.44 -19.92
N ASN A 411 3.12 31.50 -19.20
CA ASN A 411 2.26 32.66 -18.95
C ASN A 411 1.01 32.30 -18.14
N VAL A 412 1.25 31.68 -16.97
CA VAL A 412 0.18 31.25 -16.06
C VAL A 412 -0.34 32.36 -15.15
N ILE A 413 0.43 33.44 -14.95
CA ILE A 413 0.13 34.38 -13.87
C ILE A 413 -1.24 35.04 -14.03
N PRO A 414 -1.60 35.60 -15.18
CA PRO A 414 -2.86 36.38 -15.28
C PRO A 414 -4.09 35.54 -14.96
N PRO A 415 -4.32 34.39 -15.61
CA PRO A 415 -5.52 33.62 -15.25
C PRO A 415 -5.50 33.14 -13.82
N PHE A 416 -4.32 32.83 -13.28
CA PHE A 416 -4.22 32.38 -11.90
C PHE A 416 -4.66 33.50 -10.95
N CYS A 417 -4.31 34.74 -11.29
CA CYS A 417 -4.73 35.87 -10.46
C CYS A 417 -6.22 36.16 -10.59
N ASN A 418 -6.78 36.03 -11.79
CA ASN A 418 -8.20 36.38 -11.94
C ASN A 418 -9.15 35.52 -11.11
N LEU A 419 -8.69 34.37 -10.59
CA LEU A 419 -9.56 33.56 -9.75
C LEU A 419 -9.66 34.07 -8.31
N LEU A 420 -8.91 35.11 -7.95
CA LEU A 420 -8.88 35.59 -6.58
C LEU A 420 -10.23 36.12 -6.09
N THR A 421 -11.18 36.39 -7.00
CA THR A 421 -12.44 37.03 -6.66
C THR A 421 -13.61 36.05 -6.60
N VAL A 422 -13.36 34.81 -6.29
CA VAL A 422 -14.40 33.79 -6.43
C VAL A 422 -15.18 33.62 -5.13
N LYS A 423 -16.44 33.19 -5.28
CA LYS A 423 -17.32 32.97 -4.15
C LYS A 423 -16.77 31.91 -3.20
N ASP A 424 -16.04 30.93 -3.72
CA ASP A 424 -15.53 29.83 -2.93
C ASP A 424 -14.26 30.24 -2.16
N ALA A 425 -14.26 29.96 -0.86
CA ALA A 425 -13.13 30.33 -0.02
C ALA A 425 -11.93 29.40 -0.25
N GLN A 426 -12.16 28.10 -0.43
CA GLN A 426 -11.03 27.19 -0.59
C GLN A 426 -10.17 27.60 -1.79
N VAL A 427 -10.82 27.89 -2.91
CA VAL A 427 -10.09 28.13 -4.15
C VAL A 427 -9.29 29.43 -4.09
N VAL A 428 -9.87 30.49 -3.51
CA VAL A 428 -9.12 31.73 -3.37
C VAL A 428 -7.94 31.51 -2.45
N GLN A 429 -8.11 30.69 -1.40
CA GLN A 429 -6.98 30.38 -0.55
C GLN A 429 -5.92 29.60 -1.32
N VAL A 430 -6.34 28.70 -2.21
CA VAL A 430 -5.41 27.90 -3.00
C VAL A 430 -4.56 28.80 -3.91
N VAL A 431 -5.21 29.75 -4.60
CA VAL A 431 -4.44 30.64 -5.47
C VAL A 431 -3.53 31.55 -4.65
N LEU A 432 -3.97 31.99 -3.47
CA LEU A 432 -3.06 32.77 -2.63
C LEU A 432 -1.84 31.94 -2.20
N ASP A 433 -2.05 30.67 -1.85
CA ASP A 433 -0.92 29.79 -1.52
C ASP A 433 0.03 29.66 -2.70
N GLY A 434 -0.52 29.42 -3.89
CA GLY A 434 0.32 29.27 -5.06
C GLY A 434 1.12 30.52 -5.36
N LEU A 435 0.47 31.68 -5.33
CA LEU A 435 1.15 32.95 -5.54
C LEU A 435 2.26 33.15 -4.50
N SER A 436 1.94 32.90 -3.23
CA SER A 436 2.91 33.06 -2.16
C SER A 436 4.16 32.24 -2.45
N ASN A 437 3.97 30.98 -2.84
CA ASN A 437 5.13 30.14 -3.11
C ASN A 437 5.86 30.56 -4.40
N ILE A 438 5.13 31.11 -5.37
CA ILE A 438 5.77 31.54 -6.62
C ILE A 438 6.66 32.76 -6.37
N LEU A 439 6.21 33.72 -5.57
CA LEU A 439 7.06 34.87 -5.23
C LEU A 439 8.30 34.41 -4.48
N LYS A 440 8.14 33.50 -3.52
CA LYS A 440 9.28 32.97 -2.77
C LYS A 440 10.20 32.15 -3.68
N MET A 441 9.60 31.44 -4.64
CA MET A 441 10.36 30.52 -5.49
C MET A 441 11.43 31.23 -6.30
N ALA A 442 11.10 32.38 -6.87
CA ALA A 442 12.06 33.14 -7.67
C ALA A 442 12.23 34.49 -6.98
N GLU A 443 13.15 34.53 -6.02
CA GLU A 443 13.43 35.75 -5.30
C GLU A 443 14.26 36.74 -6.11
N ASP A 444 14.97 36.27 -7.14
CA ASP A 444 15.72 37.18 -8.01
C ASP A 444 14.83 37.89 -9.02
N GLU A 445 13.75 37.24 -9.49
CA GLU A 445 12.71 37.96 -10.21
C GLU A 445 11.61 38.49 -9.31
N ALA A 446 11.78 38.45 -7.98
CA ALA A 446 10.67 38.77 -7.08
C ALA A 446 10.09 40.14 -7.36
N GLU A 447 10.94 41.09 -7.77
CA GLU A 447 10.48 42.42 -8.13
C GLU A 447 9.67 42.40 -9.42
N THR A 448 10.20 41.76 -10.47
CA THR A 448 9.46 41.69 -11.73
C THR A 448 8.27 40.75 -11.61
N ILE A 449 8.33 39.74 -10.74
CA ILE A 449 7.15 38.89 -10.53
C ILE A 449 6.06 39.69 -9.84
N GLY A 450 6.41 40.49 -8.83
CA GLY A 450 5.41 41.34 -8.21
C GLY A 450 4.81 42.31 -9.20
N ASN A 451 5.64 42.84 -10.11
CA ASN A 451 5.11 43.70 -11.16
C ASN A 451 4.19 42.97 -12.13
N LEU A 452 4.53 41.75 -12.55
CA LEU A 452 3.64 41.05 -13.48
C LEU A 452 2.33 40.69 -12.79
N ILE A 453 2.38 40.43 -11.48
CA ILE A 453 1.15 40.25 -10.70
C ILE A 453 0.32 41.53 -10.68
N GLU A 454 0.97 42.65 -10.34
CA GLU A 454 0.26 43.94 -10.28
C GLU A 454 -0.22 44.37 -11.66
N GLU A 455 0.37 43.82 -12.72
CA GLU A 455 0.06 44.17 -14.09
C GLU A 455 -1.37 43.79 -14.46
N CYS A 456 -1.74 42.54 -14.19
CA CYS A 456 -3.07 42.02 -14.49
C CYS A 456 -4.06 42.27 -13.36
N GLY A 457 -3.81 43.27 -12.52
CA GLY A 457 -4.70 43.63 -11.45
C GLY A 457 -4.63 42.77 -10.21
N GLY A 458 -3.61 41.90 -10.12
CA GLY A 458 -3.53 40.98 -8.99
C GLY A 458 -3.31 41.67 -7.65
N LEU A 459 -2.49 42.72 -7.63
CA LEU A 459 -2.29 43.46 -6.39
C LEU A 459 -3.60 43.98 -5.82
N GLU A 460 -4.46 44.51 -6.69
CA GLU A 460 -5.72 45.10 -6.21
C GLU A 460 -6.59 44.02 -5.57
N LYS A 461 -6.69 42.85 -6.22
CA LYS A 461 -7.51 41.78 -5.69
C LYS A 461 -6.95 41.23 -4.39
N ILE A 462 -5.62 41.16 -4.29
CA ILE A 462 -4.99 40.72 -3.04
C ILE A 462 -5.27 41.71 -1.92
N GLU A 463 -5.17 43.01 -2.21
CA GLU A 463 -5.46 43.99 -1.17
C GLU A 463 -6.93 43.97 -0.77
N GLN A 464 -7.82 43.58 -1.70
CA GLN A 464 -9.23 43.45 -1.36
C GLN A 464 -9.51 42.20 -0.54
N LEU A 465 -8.85 41.08 -0.86
CA LEU A 465 -8.95 39.89 -0.02
C LEU A 465 -8.30 40.09 1.35
N GLN A 466 -7.41 41.07 1.48
CA GLN A 466 -6.97 41.48 2.81
C GLN A 466 -8.15 42.02 3.61
N ASN A 467 -9.25 42.37 2.94
CA ASN A 467 -10.47 42.85 3.57
C ASN A 467 -11.55 41.78 3.66
N HIS A 468 -11.16 40.52 3.86
CA HIS A 468 -12.09 39.41 3.79
C HIS A 468 -12.50 38.99 5.20
N GLU A 469 -13.61 38.25 5.29
CA GLU A 469 -14.16 37.85 6.57
C GLU A 469 -13.57 36.57 7.14
N ASN A 470 -12.74 35.85 6.38
CA ASN A 470 -12.14 34.60 6.82
C ASN A 470 -10.71 34.87 7.29
N GLU A 471 -10.36 34.35 8.48
CA GLU A 471 -9.02 34.57 9.01
C GLU A 471 -7.95 34.11 8.03
N ASP A 472 -8.15 32.93 7.45
CA ASP A 472 -7.13 32.34 6.59
C ASP A 472 -6.80 33.29 5.45
N ILE A 473 -7.85 33.81 4.80
CA ILE A 473 -7.67 34.59 3.58
C ILE A 473 -6.99 35.93 3.89
N TYR A 474 -7.50 36.68 4.87
CA TYR A 474 -6.91 38.01 5.08
C TYR A 474 -5.54 37.90 5.72
N LYS A 475 -5.31 36.91 6.59
CA LYS A 475 -3.98 36.76 7.17
C LYS A 475 -2.97 36.42 6.07
N LEU A 476 -3.33 35.53 5.13
CA LEU A 476 -2.43 35.26 4.01
C LEU A 476 -2.22 36.50 3.14
N ALA A 477 -3.29 37.26 2.87
CA ALA A 477 -3.14 38.44 2.01
C ALA A 477 -2.23 39.48 2.65
N TYR A 478 -2.40 39.73 3.94
CA TYR A 478 -1.52 40.63 4.67
C TYR A 478 -0.08 40.12 4.67
N GLU A 479 0.10 38.80 4.83
CA GLU A 479 1.42 38.19 4.84
C GLU A 479 2.14 38.33 3.49
N ILE A 480 1.43 38.05 2.39
CA ILE A 480 2.02 38.19 1.06
C ILE A 480 2.31 39.66 0.75
N ILE A 481 1.42 40.57 1.13
CA ILE A 481 1.69 41.99 0.88
C ILE A 481 2.90 42.45 1.70
N ASP A 482 3.08 41.93 2.92
CA ASP A 482 4.23 42.36 3.71
C ASP A 482 5.55 41.87 3.12
N GLN A 483 5.66 40.59 2.75
CA GLN A 483 7.00 40.13 2.38
C GLN A 483 7.51 40.76 1.08
N PHE A 484 6.65 40.86 0.06
CA PHE A 484 7.12 41.13 -1.30
C PHE A 484 6.74 42.51 -1.84
N PHE A 485 6.01 43.33 -1.08
CA PHE A 485 5.57 44.61 -1.62
C PHE A 485 6.13 45.78 -0.82
N SER A 486 7.36 46.16 -1.16
CA SER A 486 7.99 47.33 -0.55
C SER A 486 7.42 48.61 -1.15
N SER A 487 7.05 48.54 -2.43
CA SER A 487 6.36 49.60 -3.18
C SER A 487 6.75 51.03 -2.83
N GLU B 4 -20.97 3.98 -10.56
CA GLU B 4 -22.14 4.46 -11.28
C GLU B 4 -23.11 3.32 -11.60
N VAL B 5 -22.60 2.11 -11.74
CA VAL B 5 -23.47 0.97 -12.00
C VAL B 5 -24.39 0.76 -10.80
N GLN B 6 -25.67 0.50 -11.06
CA GLN B 6 -26.62 0.45 -9.96
C GLN B 6 -26.42 -0.82 -9.16
N ARG B 7 -26.44 -0.69 -7.83
CA ARG B 7 -26.04 -1.80 -6.96
C ARG B 7 -27.09 -2.91 -6.92
N LYS B 8 -28.37 -2.57 -6.84
CA LYS B 8 -29.45 -3.53 -6.92
C LYS B 8 -30.25 -3.30 -8.20
N ARG B 9 -30.72 -4.39 -8.80
CA ARG B 9 -31.28 -4.34 -10.15
C ARG B 9 -32.42 -5.34 -10.27
N GLN B 10 -33.62 -4.87 -10.64
CA GLN B 10 -34.76 -5.77 -10.77
C GLN B 10 -34.85 -6.30 -12.19
N LYS B 11 -35.40 -7.51 -12.31
CA LYS B 11 -35.46 -8.20 -13.60
C LYS B 11 -36.73 -7.81 -14.34
N LEU B 12 -36.54 -7.33 -15.57
CA LEU B 12 -37.57 -6.73 -16.39
C LEU B 12 -38.16 -7.73 -17.37
N MET B 13 -39.50 -7.70 -17.54
CA MET B 13 -40.12 -8.69 -18.41
C MET B 13 -39.92 -8.31 -19.88
N PRO B 14 -39.63 -9.30 -20.74
CA PRO B 14 -39.46 -9.14 -22.19
C PRO B 14 -40.75 -8.66 -22.85
N SER C 72 58.62 1.64 -3.28
CA SER C 72 58.09 3.01 -3.30
C SER C 72 56.59 3.03 -3.09
N LEU C 73 56.12 4.03 -2.35
CA LEU C 73 54.71 4.22 -2.03
C LEU C 73 54.04 5.20 -2.97
N GLU C 74 54.80 6.08 -3.61
CA GLU C 74 54.28 7.12 -4.49
C GLU C 74 54.71 6.98 -5.94
N ALA C 75 55.94 6.55 -6.22
CA ALA C 75 56.54 6.70 -7.54
C ALA C 75 56.02 5.69 -8.56
N ILE C 76 54.69 5.68 -8.74
CA ILE C 76 54.04 4.91 -9.79
C ILE C 76 52.98 5.78 -10.49
N VAL C 77 52.71 6.96 -9.93
CA VAL C 77 51.51 7.74 -10.22
C VAL C 77 51.21 7.88 -11.71
N GLN C 78 52.21 8.16 -12.52
CA GLN C 78 51.97 8.43 -13.94
C GLN C 78 51.88 7.15 -14.79
N ASN C 79 52.61 6.10 -14.40
CA ASN C 79 52.88 4.97 -15.28
C ASN C 79 51.63 4.32 -15.86
N ALA C 80 50.48 4.46 -15.19
CA ALA C 80 49.28 3.77 -15.66
C ALA C 80 48.73 4.32 -16.98
N SER C 81 49.27 5.42 -17.49
CA SER C 81 48.75 5.92 -18.77
C SER C 81 49.81 5.85 -19.87
N SER C 82 50.50 4.72 -19.97
CA SER C 82 51.63 4.55 -20.87
C SER C 82 51.23 3.82 -22.15
N ASP C 83 51.94 4.16 -23.24
CA ASP C 83 51.76 3.44 -24.50
C ASP C 83 52.22 1.99 -24.38
N ASN C 84 53.35 1.76 -23.72
CA ASN C 84 53.92 0.42 -23.54
C ASN C 84 53.06 -0.33 -22.54
N GLN C 85 52.36 -1.37 -23.01
CA GLN C 85 51.41 -2.07 -22.16
C GLN C 85 52.05 -2.81 -21.00
N GLY C 86 53.36 -3.09 -21.06
CA GLY C 86 54.02 -3.67 -19.90
C GLY C 86 54.08 -2.69 -18.74
N ILE C 87 54.46 -1.45 -19.02
CA ILE C 87 54.46 -0.40 -17.99
C ILE C 87 53.04 -0.14 -17.52
N GLN C 88 52.10 -0.07 -18.47
CA GLN C 88 50.70 0.20 -18.15
C GLN C 88 50.10 -0.87 -17.25
N LEU C 89 50.32 -2.14 -17.57
CA LEU C 89 49.68 -3.23 -16.84
C LEU C 89 50.26 -3.36 -15.42
N SER C 90 51.58 -3.21 -15.29
CA SER C 90 52.20 -3.27 -13.96
C SER C 90 51.67 -2.15 -13.07
N ALA C 91 51.51 -0.95 -13.61
CA ALA C 91 51.02 0.17 -12.81
C ALA C 91 49.59 -0.06 -12.34
N VAL C 92 48.72 -0.58 -13.21
CA VAL C 92 47.34 -0.81 -12.83
C VAL C 92 47.24 -1.92 -11.78
N GLN C 93 48.02 -2.99 -11.93
CA GLN C 93 48.01 -4.03 -10.90
C GLN C 93 48.55 -3.50 -9.58
N ALA C 94 49.56 -2.62 -9.64
CA ALA C 94 50.04 -1.97 -8.42
C ALA C 94 48.96 -1.11 -7.78
N ALA C 95 48.21 -0.36 -8.59
CA ALA C 95 47.12 0.46 -8.04
C ALA C 95 46.07 -0.40 -7.37
N ARG C 96 45.71 -1.51 -8.00
CA ARG C 96 44.84 -2.49 -7.37
C ARG C 96 45.41 -2.96 -6.04
N LYS C 97 46.73 -3.17 -5.96
CA LYS C 97 47.34 -3.54 -4.70
C LYS C 97 47.18 -2.43 -3.65
N LEU C 98 47.48 -1.19 -4.04
CA LEU C 98 47.33 -0.05 -3.12
C LEU C 98 45.91 0.06 -2.58
N LEU C 99 44.91 -0.23 -3.40
CA LEU C 99 43.54 0.01 -2.97
C LEU C 99 42.88 -1.20 -2.33
N SER C 100 43.59 -2.33 -2.17
CA SER C 100 42.98 -3.50 -1.57
C SER C 100 43.89 -4.29 -0.63
N SER C 101 45.13 -3.86 -0.40
CA SER C 101 46.02 -4.70 0.40
C SER C 101 45.81 -4.51 1.90
N ASP C 102 45.53 -3.29 2.35
CA ASP C 102 45.51 -2.95 3.76
C ASP C 102 44.08 -2.70 4.23
N ARG C 103 43.96 -2.25 5.48
CA ARG C 103 42.63 -1.98 6.04
C ARG C 103 42.05 -0.70 5.46
N ASN C 104 42.89 0.33 5.28
CA ASN C 104 42.45 1.63 4.81
C ASN C 104 43.27 2.08 3.60
N PRO C 105 42.83 1.74 2.39
CA PRO C 105 43.54 2.19 1.20
C PRO C 105 43.41 3.70 1.03
N PRO C 106 44.42 4.35 0.42
CA PRO C 106 44.51 5.83 0.34
C PRO C 106 43.65 6.47 -0.73
N ILE C 107 42.33 6.40 -0.56
CA ILE C 107 41.39 6.82 -1.60
C ILE C 107 41.59 8.30 -1.95
N ASP C 108 41.90 9.12 -0.94
CA ASP C 108 41.99 10.56 -1.15
C ASP C 108 43.10 10.91 -2.14
N ASP C 109 44.28 10.29 -1.99
CA ASP C 109 45.35 10.53 -2.95
C ASP C 109 44.98 10.03 -4.34
N LEU C 110 44.24 8.93 -4.44
CA LEU C 110 43.82 8.46 -5.75
C LEU C 110 42.93 9.49 -6.45
N ILE C 111 42.00 10.09 -5.72
CA ILE C 111 41.17 11.14 -6.34
C ILE C 111 42.02 12.38 -6.65
N LYS C 112 42.90 12.79 -5.73
CA LYS C 112 43.71 13.98 -5.97
C LYS C 112 44.69 13.82 -7.12
N SER C 113 45.16 12.60 -7.37
CA SER C 113 46.17 12.33 -8.38
C SER C 113 45.62 12.29 -9.80
N GLY C 114 44.30 12.37 -9.97
CA GLY C 114 43.72 12.31 -11.30
C GLY C 114 43.75 10.94 -11.94
N ILE C 115 43.85 9.88 -11.14
CA ILE C 115 43.81 8.52 -11.67
C ILE C 115 42.39 8.07 -11.98
N LEU C 116 41.37 8.83 -11.56
CA LEU C 116 39.99 8.45 -11.84
C LEU C 116 39.73 8.27 -13.33
N PRO C 117 39.90 9.28 -14.20
CA PRO C 117 39.65 9.06 -15.63
C PRO C 117 40.57 8.01 -16.23
N ILE C 118 41.79 7.86 -15.70
CA ILE C 118 42.73 6.88 -16.22
C ILE C 118 42.19 5.46 -16.04
N LEU C 119 41.75 5.13 -14.83
CA LEU C 119 41.19 3.80 -14.58
C LEU C 119 39.84 3.63 -15.26
N VAL C 120 39.06 4.70 -15.41
CA VAL C 120 37.81 4.59 -16.16
C VAL C 120 38.09 4.20 -17.61
N HIS C 121 39.11 4.81 -18.23
CA HIS C 121 39.58 4.31 -19.53
C HIS C 121 40.01 2.85 -19.46
N CYS C 122 40.75 2.47 -18.40
CA CYS C 122 41.20 1.09 -18.28
C CYS C 122 40.02 0.12 -18.31
N LEU C 123 38.86 0.55 -17.82
CA LEU C 123 37.65 -0.28 -17.83
C LEU C 123 37.22 -0.70 -19.22
N GLU C 124 37.68 0.00 -20.27
CA GLU C 124 37.08 -0.07 -21.60
C GLU C 124 37.81 -0.99 -22.57
N ARG C 125 38.72 -1.83 -22.08
CA ARG C 125 39.54 -2.69 -22.94
C ARG C 125 38.83 -4.03 -23.16
N ASP C 126 37.92 -4.06 -24.14
CA ASP C 126 37.11 -5.25 -24.38
C ASP C 126 37.93 -6.44 -24.82
N ASP C 127 39.16 -6.21 -25.28
CA ASP C 127 40.05 -7.26 -25.78
C ASP C 127 40.97 -7.87 -24.72
N ASN C 128 41.15 -7.21 -23.58
CA ASN C 128 42.17 -7.57 -22.60
C ASN C 128 41.48 -7.78 -21.25
N PRO C 129 40.98 -8.98 -21.00
CA PRO C 129 40.12 -9.18 -19.82
C PRO C 129 40.78 -8.84 -18.50
N SER C 130 42.09 -9.12 -18.37
CA SER C 130 42.79 -8.89 -17.12
C SER C 130 42.92 -7.41 -16.78
N LEU C 131 43.19 -6.56 -17.78
CA LEU C 131 43.30 -5.13 -17.52
C LEU C 131 41.97 -4.56 -17.02
N GLN C 132 40.88 -4.94 -17.68
CA GLN C 132 39.55 -4.56 -17.18
C GLN C 132 39.32 -5.07 -15.76
N PHE C 133 39.69 -6.32 -15.48
CA PHE C 133 39.47 -6.87 -14.14
C PHE C 133 40.22 -6.07 -13.09
N GLU C 134 41.50 -5.80 -13.33
CA GLU C 134 42.31 -5.05 -12.37
C GLU C 134 41.75 -3.64 -12.17
N ALA C 135 41.40 -2.97 -13.27
CA ALA C 135 40.81 -1.64 -13.17
C ALA C 135 39.52 -1.66 -12.38
N ALA C 136 38.66 -2.64 -12.67
CA ALA C 136 37.36 -2.71 -12.02
C ALA C 136 37.51 -2.98 -10.52
N TRP C 137 38.47 -3.81 -10.13
CA TRP C 137 38.64 -4.07 -8.70
C TRP C 137 39.30 -2.89 -7.97
N ALA C 138 40.18 -2.14 -8.66
CA ALA C 138 40.61 -0.85 -8.12
C ALA C 138 39.41 0.07 -7.86
N LEU C 139 38.56 0.28 -8.87
CA LEU C 139 37.40 1.16 -8.71
C LEU C 139 36.45 0.63 -7.64
N THR C 140 36.30 -0.69 -7.58
CA THR C 140 35.48 -1.33 -6.56
C THR C 140 35.92 -0.89 -5.17
N ASN C 141 37.23 -0.95 -4.92
CA ASN C 141 37.71 -0.54 -3.62
C ASN C 141 37.61 0.96 -3.41
N ILE C 142 37.70 1.75 -4.48
CA ILE C 142 37.53 3.20 -4.33
C ILE C 142 36.10 3.53 -3.90
N ALA C 143 35.12 2.93 -4.56
CA ALA C 143 33.71 3.18 -4.28
C ALA C 143 33.18 2.35 -3.13
N SER C 144 34.05 1.66 -2.41
CA SER C 144 33.70 1.00 -1.16
C SER C 144 33.90 1.89 0.06
N GLY C 145 34.25 3.15 -0.14
CA GLY C 145 34.67 4.02 0.96
C GLY C 145 33.58 4.96 1.42
N THR C 146 33.96 6.22 1.65
CA THR C 146 33.03 7.19 2.20
C THR C 146 32.00 7.55 1.15
N SER C 147 30.98 8.31 1.58
CA SER C 147 29.88 8.66 0.68
C SER C 147 30.37 9.46 -0.53
N GLU C 148 31.18 10.50 -0.28
CA GLU C 148 31.63 11.38 -1.34
C GLU C 148 32.65 10.70 -2.26
N GLN C 149 33.48 9.81 -1.73
CA GLN C 149 34.42 9.05 -2.56
C GLN C 149 33.67 8.15 -3.55
N THR C 150 32.60 7.51 -3.09
CA THR C 150 31.80 6.68 -3.98
C THR C 150 31.09 7.54 -5.04
N GLN C 151 30.58 8.70 -4.63
CA GLN C 151 29.97 9.59 -5.62
C GLN C 151 31.00 10.03 -6.65
N ALA C 152 32.27 10.17 -6.22
CA ALA C 152 33.36 10.45 -7.14
C ALA C 152 33.53 9.33 -8.16
N VAL C 153 33.45 8.08 -7.72
CA VAL C 153 33.57 6.98 -8.67
C VAL C 153 32.42 7.03 -9.69
N VAL C 154 31.21 7.30 -9.21
CA VAL C 154 30.05 7.32 -10.10
C VAL C 154 30.19 8.42 -11.15
N GLN C 155 30.48 9.65 -10.71
CA GLN C 155 30.58 10.77 -11.65
C GLN C 155 31.76 10.68 -12.60
N SER C 156 32.72 9.78 -12.35
CA SER C 156 33.69 9.41 -13.37
C SER C 156 33.00 8.70 -14.53
N ASN C 157 31.69 8.49 -14.38
CA ASN C 157 30.81 7.96 -15.42
C ASN C 157 31.28 6.57 -15.84
N ALA C 158 31.32 5.68 -14.85
CA ALA C 158 31.77 4.31 -15.02
C ALA C 158 30.64 3.28 -15.00
N VAL C 159 29.43 3.69 -14.63
CA VAL C 159 28.34 2.72 -14.50
C VAL C 159 27.99 2.02 -15.81
N PRO C 160 27.87 2.70 -16.97
CA PRO C 160 27.57 1.94 -18.20
C PRO C 160 28.69 0.98 -18.55
N LEU C 161 29.92 1.34 -18.19
CA LEU C 161 31.06 0.48 -18.45
C LEU C 161 30.93 -0.82 -17.68
N PHE C 162 30.60 -0.73 -16.39
CA PHE C 162 30.34 -1.92 -15.58
C PHE C 162 29.18 -2.73 -16.14
N LEU C 163 28.11 -2.03 -16.55
CA LEU C 163 26.96 -2.72 -17.10
C LEU C 163 27.30 -3.54 -18.33
N ARG C 164 28.13 -2.99 -19.23
CA ARG C 164 28.53 -3.81 -20.37
C ARG C 164 29.48 -4.92 -19.95
N LEU C 165 30.32 -4.65 -18.94
CA LEU C 165 31.18 -5.71 -18.42
C LEU C 165 30.35 -6.87 -17.89
N LEU C 166 29.11 -6.60 -17.53
CA LEU C 166 28.19 -7.68 -17.12
C LEU C 166 27.89 -8.68 -18.23
N HIS C 167 28.13 -8.34 -19.49
CA HIS C 167 27.83 -9.24 -20.61
C HIS C 167 29.07 -9.95 -21.16
N SER C 168 30.21 -9.82 -20.49
CA SER C 168 31.46 -10.39 -20.99
C SER C 168 31.44 -11.91 -20.97
N PRO C 169 32.22 -12.56 -21.84
CA PRO C 169 32.36 -14.03 -21.80
C PRO C 169 33.25 -14.55 -20.69
N HIS C 170 33.61 -13.73 -19.69
CA HIS C 170 34.50 -14.12 -18.61
C HIS C 170 33.77 -14.06 -17.27
N GLN C 171 33.80 -15.17 -16.52
CA GLN C 171 33.11 -15.24 -15.24
C GLN C 171 33.56 -14.15 -14.28
N ASN C 172 34.88 -14.02 -14.07
CA ASN C 172 35.39 -13.12 -13.05
C ASN C 172 35.15 -11.65 -13.39
N VAL C 173 35.17 -11.29 -14.68
CA VAL C 173 34.87 -9.91 -15.05
C VAL C 173 33.43 -9.57 -14.70
N CYS C 174 32.50 -10.49 -14.98
CA CYS C 174 31.13 -10.30 -14.55
CA CYS C 174 31.13 -10.30 -14.55
C CYS C 174 31.03 -10.22 -13.04
N GLU C 175 31.79 -11.07 -12.33
CA GLU C 175 31.80 -11.03 -10.87
C GLU C 175 32.18 -9.65 -10.36
N GLN C 176 33.23 -9.07 -10.95
CA GLN C 176 33.72 -7.79 -10.45
C GLN C 176 32.81 -6.63 -10.85
N ALA C 177 32.23 -6.68 -12.06
CA ALA C 177 31.25 -5.66 -12.42
C ALA C 177 30.05 -5.72 -11.48
N VAL C 178 29.58 -6.93 -11.15
CA VAL C 178 28.50 -7.09 -10.19
C VAL C 178 28.92 -6.50 -8.84
N TRP C 179 30.13 -6.80 -8.40
CA TRP C 179 30.60 -6.33 -7.09
C TRP C 179 30.58 -4.81 -7.04
N ALA C 180 31.21 -4.18 -8.04
CA ALA C 180 31.32 -2.73 -8.08
C ALA C 180 29.96 -2.09 -8.14
N LEU C 181 29.08 -2.60 -9.01
CA LEU C 181 27.75 -2.03 -9.08
C LEU C 181 27.03 -2.18 -7.74
N GLY C 182 27.13 -3.34 -7.10
CA GLY C 182 26.51 -3.52 -5.80
C GLY C 182 26.97 -2.50 -4.79
N ASN C 183 28.27 -2.21 -4.77
CA ASN C 183 28.76 -1.12 -3.92
C ASN C 183 28.14 0.20 -4.31
N ILE C 184 27.93 0.42 -5.61
CA ILE C 184 27.33 1.68 -6.07
C ILE C 184 25.89 1.81 -5.58
N ILE C 185 25.10 0.74 -5.71
CA ILE C 185 23.72 0.75 -5.24
C ILE C 185 23.68 0.99 -3.73
N GLY C 186 24.69 0.52 -3.00
CA GLY C 186 24.69 0.61 -1.54
C GLY C 186 24.88 2.00 -0.95
N ASP C 187 25.27 3.00 -1.75
CA ASP C 187 25.50 4.31 -1.17
C ASP C 187 24.21 4.94 -0.68
N GLY C 188 23.19 4.99 -1.53
CA GLY C 188 21.94 5.59 -1.18
C GLY C 188 20.89 5.31 -2.23
N PRO C 189 19.64 5.70 -1.95
CA PRO C 189 18.57 5.48 -2.93
C PRO C 189 18.84 6.16 -4.25
N GLN C 190 19.56 7.29 -4.22
CA GLN C 190 19.80 8.05 -5.44
C GLN C 190 20.54 7.20 -6.46
N CYS C 191 21.67 6.63 -6.03
CA CYS C 191 22.50 5.81 -6.91
C CYS C 191 21.82 4.50 -7.24
N ARG C 192 21.07 3.93 -6.28
CA ARG C 192 20.29 2.73 -6.57
C ARG C 192 19.34 2.95 -7.73
N ASP C 193 18.53 4.01 -7.65
CA ASP C 193 17.57 4.30 -8.69
C ASP C 193 18.28 4.57 -10.01
N TYR C 194 19.41 5.28 -9.94
CA TYR C 194 20.22 5.53 -11.13
C TYR C 194 20.66 4.22 -11.78
N VAL C 195 21.27 3.31 -11.01
CA VAL C 195 21.77 2.07 -11.57
C VAL C 195 20.63 1.23 -12.14
N ILE C 196 19.48 1.22 -11.47
CA ILE C 196 18.32 0.53 -12.00
C ILE C 196 17.92 1.10 -13.35
N SER C 197 17.87 2.43 -13.45
CA SER C 197 17.36 3.08 -14.66
C SER C 197 18.18 2.72 -15.88
N LEU C 198 19.42 2.28 -15.70
CA LEU C 198 20.23 1.79 -16.80
C LEU C 198 19.99 0.30 -17.05
N GLY C 199 19.03 -0.29 -16.33
CA GLY C 199 18.54 -1.63 -16.63
C GLY C 199 19.42 -2.73 -16.09
N VAL C 200 19.85 -2.58 -14.85
CA VAL C 200 20.81 -3.53 -14.27
C VAL C 200 20.14 -4.82 -13.80
N VAL C 201 18.84 -4.73 -13.49
CA VAL C 201 18.19 -5.75 -12.66
C VAL C 201 17.99 -7.05 -13.42
N LYS C 202 17.46 -6.98 -14.65
CA LYS C 202 17.20 -8.21 -15.38
C LYS C 202 18.48 -8.97 -15.69
N PRO C 203 19.56 -8.34 -16.18
CA PRO C 203 20.82 -9.09 -16.30
C PRO C 203 21.33 -9.62 -14.98
N LEU C 204 21.19 -8.88 -13.87
CA LEU C 204 21.65 -9.44 -12.60
C LEU C 204 20.90 -10.72 -12.26
N LEU C 205 19.57 -10.71 -12.43
CA LEU C 205 18.77 -11.88 -12.10
C LEU C 205 18.95 -13.04 -13.08
N SER C 206 19.44 -12.77 -14.30
CA SER C 206 19.64 -13.88 -15.22
C SER C 206 20.75 -14.82 -14.77
N PHE C 207 21.73 -14.33 -13.98
CA PHE C 207 22.84 -15.17 -13.56
C PHE C 207 22.42 -16.32 -12.68
N ILE C 208 21.27 -16.23 -12.01
CA ILE C 208 20.77 -17.33 -11.20
C ILE C 208 20.42 -18.51 -12.09
N SER C 209 21.21 -19.56 -11.99
CA SER C 209 21.03 -20.80 -12.74
C SER C 209 21.70 -21.91 -11.95
N PRO C 210 21.20 -23.15 -12.03
CA PRO C 210 21.79 -24.23 -11.22
C PRO C 210 23.28 -24.46 -11.45
N SER C 211 23.86 -23.84 -12.48
CA SER C 211 25.26 -24.05 -12.83
C SER C 211 26.12 -22.85 -12.47
N ILE C 212 25.87 -22.26 -11.30
CA ILE C 212 26.57 -21.04 -10.89
C ILE C 212 27.53 -21.38 -9.75
N PRO C 213 28.73 -20.80 -9.75
CA PRO C 213 29.58 -20.89 -8.55
C PRO C 213 28.92 -20.13 -7.40
N ILE C 214 29.09 -20.68 -6.20
CA ILE C 214 28.39 -20.09 -5.07
C ILE C 214 29.09 -18.81 -4.60
N THR C 215 30.41 -18.73 -4.79
CA THR C 215 31.15 -17.50 -4.49
C THR C 215 30.57 -16.31 -5.25
N PHE C 216 29.99 -16.56 -6.43
CA PHE C 216 29.43 -15.60 -7.36
C PHE C 216 27.96 -15.33 -7.04
N LEU C 217 27.24 -16.41 -6.73
CA LEU C 217 25.86 -16.31 -6.29
C LEU C 217 25.72 -15.44 -5.05
N ARG C 218 26.71 -15.50 -4.15
CA ARG C 218 26.63 -14.70 -2.93
C ARG C 218 26.69 -13.20 -3.24
N ASN C 219 27.56 -12.79 -4.17
CA ASN C 219 27.58 -11.39 -4.58
C ASN C 219 26.28 -10.98 -5.26
N VAL C 220 25.73 -11.87 -6.10
CA VAL C 220 24.44 -11.55 -6.73
C VAL C 220 23.38 -11.28 -5.66
N THR C 221 23.32 -12.15 -4.66
CA THR C 221 22.31 -12.00 -3.61
C THR C 221 22.56 -10.74 -2.77
N TRP C 222 23.83 -10.44 -2.52
CA TRP C 222 24.20 -9.21 -1.83
C TRP C 222 23.70 -7.98 -2.58
N VAL C 223 23.94 -7.94 -3.88
CA VAL C 223 23.50 -6.79 -4.68
C VAL C 223 21.99 -6.68 -4.67
N MET C 224 21.29 -7.83 -4.66
CA MET C 224 19.85 -7.79 -4.54
C MET C 224 19.43 -7.11 -3.24
N VAL C 225 20.09 -7.48 -2.14
CA VAL C 225 19.76 -6.87 -0.86
C VAL C 225 19.97 -5.37 -0.93
N ASN C 226 21.08 -4.94 -1.55
CA ASN C 226 21.29 -3.50 -1.74
C ASN C 226 20.19 -2.87 -2.59
N LEU C 227 19.66 -3.62 -3.56
CA LEU C 227 18.56 -3.07 -4.34
C LEU C 227 17.31 -2.88 -3.48
N CYS C 228 17.15 -3.68 -2.43
CA CYS C 228 15.90 -3.61 -1.68
C CYS C 228 15.90 -2.63 -0.51
N ARG C 229 17.03 -2.03 -0.15
CA ARG C 229 17.05 -1.26 1.09
C ARG C 229 16.84 0.23 0.75
N HIS C 230 17.06 1.09 1.74
CA HIS C 230 16.86 2.54 1.65
C HIS C 230 15.38 2.88 1.44
N LYS C 231 14.62 2.70 2.51
CA LYS C 231 13.18 2.96 2.55
C LYS C 231 12.76 4.36 2.10
N ASP C 232 13.71 5.28 1.92
CA ASP C 232 13.39 6.66 1.57
C ASP C 232 14.24 7.16 0.41
N PRO C 233 13.72 7.18 -0.83
CA PRO C 233 12.46 6.57 -1.28
C PRO C 233 12.67 5.09 -1.60
N PRO C 234 11.66 4.25 -1.37
CA PRO C 234 11.80 2.81 -1.64
C PRO C 234 12.00 2.54 -3.13
N PRO C 235 12.50 1.36 -3.48
CA PRO C 235 12.83 1.06 -4.88
C PRO C 235 11.60 1.02 -5.78
N PRO C 236 11.79 1.18 -7.10
CA PRO C 236 10.65 1.18 -8.02
C PRO C 236 9.85 -0.11 -7.98
N MET C 237 8.54 0.03 -8.16
CA MET C 237 7.64 -1.14 -8.14
C MET C 237 8.08 -2.18 -9.16
N GLU C 238 8.57 -1.71 -10.32
CA GLU C 238 9.02 -2.63 -11.36
C GLU C 238 10.05 -3.62 -10.82
N THR C 239 11.10 -3.09 -10.19
CA THR C 239 12.20 -3.93 -9.76
C THR C 239 11.85 -4.77 -8.54
N ILE C 240 11.01 -4.27 -7.63
CA ILE C 240 10.57 -5.13 -6.53
C ILE C 240 9.81 -6.33 -7.08
N GLN C 241 8.95 -6.11 -8.08
CA GLN C 241 8.24 -7.25 -8.68
C GLN C 241 9.14 -8.10 -9.56
N GLU C 242 10.28 -7.56 -10.01
CA GLU C 242 11.26 -8.41 -10.66
C GLU C 242 12.03 -9.27 -9.66
N ILE C 243 12.40 -8.69 -8.52
CA ILE C 243 13.21 -9.40 -7.52
C ILE C 243 12.40 -10.47 -6.77
N LEU C 244 11.16 -10.17 -6.37
CA LEU C 244 10.45 -11.14 -5.54
C LEU C 244 10.40 -12.55 -6.11
N PRO C 245 10.22 -12.78 -7.42
CA PRO C 245 10.39 -14.14 -7.93
C PRO C 245 11.79 -14.70 -7.69
N ALA C 246 12.81 -13.85 -7.82
CA ALA C 246 14.17 -14.31 -7.51
C ALA C 246 14.29 -14.71 -6.04
N LEU C 247 13.60 -14.00 -5.14
CA LEU C 247 13.68 -14.38 -3.73
C LEU C 247 12.89 -15.66 -3.43
N CYS C 248 11.73 -15.85 -4.08
CA CYS C 248 11.08 -17.16 -3.98
C CYS C 248 12.01 -18.27 -4.43
N VAL C 249 12.87 -18.00 -5.40
CA VAL C 249 13.86 -19.00 -5.80
C VAL C 249 14.92 -19.18 -4.72
N LEU C 250 15.51 -18.07 -4.25
CA LEU C 250 16.66 -18.14 -3.35
C LEU C 250 16.31 -18.59 -1.93
N ILE C 251 15.05 -18.48 -1.51
CA ILE C 251 14.69 -18.84 -0.14
C ILE C 251 14.68 -20.34 0.11
N HIS C 252 14.70 -21.16 -0.92
CA HIS C 252 14.78 -22.60 -0.73
C HIS C 252 16.22 -23.10 -0.75
N HIS C 253 17.18 -22.20 -0.86
CA HIS C 253 18.55 -22.62 -1.03
C HIS C 253 19.06 -23.19 0.29
N THR C 254 20.16 -23.95 0.21
CA THR C 254 20.69 -24.59 1.40
C THR C 254 21.88 -23.85 2.00
N ASP C 255 22.59 -23.06 1.20
CA ASP C 255 23.71 -22.32 1.73
C ASP C 255 23.22 -21.30 2.76
N VAL C 256 23.94 -21.19 3.86
CA VAL C 256 23.53 -20.29 4.94
C VAL C 256 23.55 -18.83 4.48
N ASN C 257 24.61 -18.44 3.78
CA ASN C 257 24.75 -17.04 3.37
C ASN C 257 23.60 -16.61 2.46
N ILE C 258 23.24 -17.46 1.50
CA ILE C 258 22.17 -17.13 0.58
C ILE C 258 20.85 -16.94 1.32
N LEU C 259 20.54 -17.85 2.25
CA LEU C 259 19.30 -17.68 3.03
C LEU C 259 19.33 -16.41 3.85
N VAL C 260 20.46 -16.10 4.49
CA VAL C 260 20.53 -14.89 5.29
C VAL C 260 20.27 -13.65 4.44
N ASP C 261 20.91 -13.58 3.26
CA ASP C 261 20.71 -12.41 2.41
C ASP C 261 19.29 -12.36 1.85
N THR C 262 18.73 -13.51 1.47
CA THR C 262 17.37 -13.55 0.97
C THR C 262 16.38 -13.01 2.02
N VAL C 263 16.53 -13.48 3.25
CA VAL C 263 15.59 -13.09 4.29
C VAL C 263 15.80 -11.64 4.70
N TRP C 264 17.03 -11.13 4.64
CA TRP C 264 17.23 -9.71 4.89
C TRP C 264 16.65 -8.83 3.79
N ALA C 265 16.76 -9.27 2.53
CA ALA C 265 16.08 -8.59 1.45
C ALA C 265 14.60 -8.46 1.76
N LEU C 266 13.99 -9.57 2.17
CA LEU C 266 12.56 -9.57 2.48
C LEU C 266 12.24 -8.62 3.64
N SER C 267 13.07 -8.62 4.69
CA SER C 267 12.81 -7.75 5.84
C SER C 267 12.93 -6.29 5.46
N TYR C 268 13.97 -5.95 4.68
CA TYR C 268 14.10 -4.61 4.12
C TYR C 268 12.86 -4.20 3.34
N LEU C 269 12.37 -5.08 2.46
CA LEU C 269 11.18 -4.74 1.69
C LEU C 269 10.01 -4.43 2.62
N THR C 270 9.74 -5.33 3.56
CA THR C 270 8.62 -5.15 4.48
C THR C 270 8.78 -3.95 5.41
N ASP C 271 10.01 -3.49 5.65
CA ASP C 271 10.18 -2.28 6.44
C ASP C 271 9.68 -1.04 5.71
N ALA C 272 9.64 -1.07 4.38
CA ALA C 272 9.36 0.11 3.59
C ALA C 272 7.92 0.62 3.78
N GLY C 273 6.98 -0.26 4.04
CA GLY C 273 5.62 0.20 4.25
C GLY C 273 4.54 -0.75 3.78
N ASN C 274 3.30 -0.45 4.13
CA ASN C 274 2.22 -1.40 3.92
C ASN C 274 2.08 -1.77 2.44
N GLU C 275 2.47 -0.88 1.55
CA GLU C 275 2.39 -1.16 0.12
C GLU C 275 3.39 -2.25 -0.27
N GLN C 276 4.66 -2.10 0.15
CA GLN C 276 5.64 -3.15 -0.11
C GLN C 276 5.37 -4.41 0.70
N ILE C 277 4.83 -4.26 1.91
CA ILE C 277 4.35 -5.42 2.66
C ILE C 277 3.33 -6.20 1.83
N GLN C 278 2.43 -5.48 1.14
CA GLN C 278 1.43 -6.13 0.31
C GLN C 278 2.07 -6.77 -0.91
N MET C 279 3.12 -6.16 -1.46
CA MET C 279 3.82 -6.81 -2.56
C MET C 279 4.42 -8.15 -2.11
N VAL C 280 5.02 -8.17 -0.92
CA VAL C 280 5.60 -9.41 -0.39
C VAL C 280 4.52 -10.43 -0.10
N ILE C 281 3.38 -10.00 0.43
CA ILE C 281 2.28 -10.95 0.62
C ILE C 281 1.80 -11.49 -0.72
N ASP C 282 1.70 -10.63 -1.73
CA ASP C 282 1.19 -11.03 -3.03
C ASP C 282 2.16 -11.94 -3.78
N SER C 283 3.44 -11.93 -3.42
CA SER C 283 4.38 -12.81 -4.10
C SER C 283 4.24 -14.26 -3.69
N GLY C 284 3.42 -14.55 -2.68
CA GLY C 284 3.25 -15.92 -2.22
C GLY C 284 4.43 -16.47 -1.46
N ILE C 285 5.30 -15.61 -0.95
CA ILE C 285 6.54 -16.04 -0.30
C ILE C 285 6.37 -16.12 1.21
N VAL C 286 5.37 -15.45 1.77
CA VAL C 286 5.20 -15.44 3.23
C VAL C 286 5.07 -16.84 3.81
N PRO C 287 4.34 -17.78 3.20
CA PRO C 287 4.32 -19.15 3.74
C PRO C 287 5.66 -19.83 3.68
N HIS C 288 6.59 -19.36 2.86
CA HIS C 288 7.95 -19.88 2.92
C HIS C 288 8.81 -19.12 3.93
N LEU C 289 8.37 -17.94 4.37
CA LEU C 289 9.14 -17.18 5.35
C LEU C 289 8.85 -17.67 6.77
N VAL C 290 7.56 -17.79 7.12
CA VAL C 290 7.18 -18.12 8.49
C VAL C 290 7.90 -19.37 9.02
N PRO C 291 7.98 -20.49 8.29
CA PRO C 291 8.68 -21.66 8.86
C PRO C 291 10.15 -21.42 9.19
N LEU C 292 10.78 -20.40 8.60
CA LEU C 292 12.16 -20.11 8.97
C LEU C 292 12.30 -19.54 10.38
N LEU C 293 11.19 -19.23 11.06
CA LEU C 293 11.31 -18.76 12.44
C LEU C 293 11.90 -19.80 13.38
N SER C 294 11.71 -21.09 13.10
CA SER C 294 12.36 -22.14 13.87
C SER C 294 13.39 -22.89 13.03
N HIS C 295 14.10 -22.16 12.19
CA HIS C 295 15.18 -22.75 11.42
C HIS C 295 16.36 -23.03 12.35
N GLN C 296 17.21 -23.97 11.94
CA GLN C 296 18.28 -24.39 12.82
C GLN C 296 19.28 -23.28 13.11
N GLU C 297 19.71 -22.54 12.10
CA GLU C 297 20.79 -21.59 12.32
C GLU C 297 20.19 -20.26 12.78
N VAL C 298 20.91 -19.59 13.67
CA VAL C 298 20.34 -18.45 14.39
C VAL C 298 20.26 -17.18 13.54
N LYS C 299 21.23 -16.92 12.65
CA LYS C 299 21.19 -15.69 11.84
C LYS C 299 19.93 -15.67 10.97
N VAL C 300 19.68 -16.79 10.28
CA VAL C 300 18.45 -16.95 9.50
C VAL C 300 17.23 -16.74 10.38
N GLN C 301 17.25 -17.31 11.58
CA GLN C 301 16.12 -17.23 12.49
C GLN C 301 15.83 -15.77 12.88
N THR C 302 16.88 -15.00 13.21
CA THR C 302 16.71 -13.61 13.59
C THR C 302 16.16 -12.78 12.45
N ALA C 303 16.75 -12.93 11.26
CA ALA C 303 16.31 -12.14 10.11
C ALA C 303 14.86 -12.49 9.76
N ALA C 304 14.50 -13.76 9.91
CA ALA C 304 13.12 -14.15 9.61
C ALA C 304 12.15 -13.52 10.60
N LEU C 305 12.56 -13.46 11.88
CA LEU C 305 11.72 -12.77 12.86
C LEU C 305 11.56 -11.30 12.48
N ARG C 306 12.64 -10.69 11.99
CA ARG C 306 12.56 -9.29 11.56
C ARG C 306 11.55 -9.12 10.44
N ALA C 307 11.63 -9.98 9.42
CA ALA C 307 10.73 -9.86 8.27
C ALA C 307 9.27 -10.01 8.69
N VAL C 308 8.94 -11.06 9.45
CA VAL C 308 7.54 -11.29 9.82
C VAL C 308 7.06 -10.25 10.82
N GLY C 309 7.95 -9.71 11.65
CA GLY C 309 7.57 -8.59 12.51
C GLY C 309 7.18 -7.36 11.70
N ASN C 310 7.96 -7.05 10.67
CA ASN C 310 7.59 -5.94 9.81
C ASN C 310 6.25 -6.20 9.15
N ILE C 311 6.02 -7.43 8.68
CA ILE C 311 4.72 -7.67 8.03
C ILE C 311 3.59 -7.43 9.01
N VAL C 312 3.74 -7.89 10.25
CA VAL C 312 2.65 -7.70 11.21
C VAL C 312 2.57 -6.29 11.75
N THR C 313 3.48 -5.39 11.33
CA THR C 313 3.21 -3.99 11.69
C THR C 313 2.05 -3.41 10.88
N GLY C 314 1.62 -4.07 9.82
CA GLY C 314 0.69 -3.45 8.89
C GLY C 314 -0.78 -3.51 9.20
N THR C 315 -1.62 -3.77 8.20
CA THR C 315 -3.05 -3.85 8.44
C THR C 315 -3.42 -5.22 9.02
N ASP C 316 -4.65 -5.33 9.52
CA ASP C 316 -5.07 -6.57 10.16
C ASP C 316 -5.13 -7.72 9.18
N GLU C 317 -5.48 -7.46 7.92
CA GLU C 317 -5.50 -8.55 6.94
C GLU C 317 -4.09 -9.02 6.63
N GLN C 318 -3.17 -8.07 6.50
CA GLN C 318 -1.75 -8.40 6.37
C GLN C 318 -1.22 -9.17 7.57
N THR C 319 -1.52 -8.69 8.77
CA THR C 319 -1.15 -9.44 9.98
C THR C 319 -1.70 -10.87 9.92
N GLN C 320 -2.93 -11.01 9.42
CA GLN C 320 -3.59 -12.30 9.42
C GLN C 320 -2.91 -13.26 8.44
N VAL C 321 -2.33 -12.74 7.36
CA VAL C 321 -1.58 -13.63 6.48
C VAL C 321 -0.49 -14.36 7.25
N VAL C 322 0.30 -13.60 8.02
CA VAL C 322 1.36 -14.19 8.83
C VAL C 322 0.80 -15.17 9.84
N LEU C 323 -0.30 -14.80 10.50
CA LEU C 323 -0.86 -15.73 11.47
C LEU C 323 -1.32 -17.03 10.83
N ASN C 324 -1.94 -16.94 9.64
CA ASN C 324 -2.42 -18.13 8.95
C ASN C 324 -1.28 -18.98 8.41
N CYS C 325 -0.10 -18.41 8.24
CA CYS C 325 1.01 -19.32 7.96
C CYS C 325 1.49 -20.10 9.22
N ASP C 326 0.63 -20.06 10.25
CA ASP C 326 0.83 -20.75 11.52
C ASP C 326 2.06 -20.21 12.25
N ALA C 327 2.16 -18.87 12.29
CA ALA C 327 3.36 -18.23 12.79
C ALA C 327 3.50 -18.38 14.30
N LEU C 328 2.40 -18.29 15.04
CA LEU C 328 2.51 -18.22 16.50
C LEU C 328 3.12 -19.49 17.07
N SER C 329 2.97 -20.62 16.39
CA SER C 329 3.48 -21.89 16.90
C SER C 329 5.01 -21.88 17.05
N HIS C 330 5.69 -20.95 16.40
CA HIS C 330 7.15 -20.85 16.54
C HIS C 330 7.56 -20.13 17.81
N PHE C 331 6.68 -19.36 18.44
CA PHE C 331 7.21 -18.42 19.43
C PHE C 331 7.63 -18.97 20.80
N PRO C 332 7.02 -20.03 21.36
CA PRO C 332 7.56 -20.51 22.64
C PRO C 332 9.06 -20.70 22.55
N ALA C 333 9.53 -21.33 21.47
CA ALA C 333 10.96 -21.47 21.25
C ALA C 333 11.65 -20.12 21.21
N LEU C 334 10.97 -19.10 20.69
CA LEU C 334 11.56 -17.76 20.64
C LEU C 334 11.47 -17.02 21.97
N LEU C 335 10.44 -17.29 22.77
CA LEU C 335 10.31 -16.52 24.00
C LEU C 335 11.20 -17.07 25.11
N THR C 336 11.68 -18.30 24.97
CA THR C 336 12.60 -18.90 25.92
C THR C 336 13.98 -19.05 25.30
N HIS C 337 14.21 -18.45 24.14
CA HIS C 337 15.49 -18.55 23.47
C HIS C 337 16.55 -17.90 24.36
N PRO C 338 17.75 -18.49 24.48
CA PRO C 338 18.77 -17.87 25.35
C PRO C 338 19.16 -16.44 24.96
N LYS C 339 19.21 -16.11 23.68
CA LYS C 339 19.51 -14.74 23.30
C LYS C 339 18.36 -13.81 23.66
N GLU C 340 18.68 -12.70 24.34
CA GLU C 340 17.62 -11.81 24.79
C GLU C 340 17.10 -10.94 23.66
N LYS C 341 17.93 -10.65 22.65
CA LYS C 341 17.43 -9.89 21.51
C LYS C 341 16.30 -10.64 20.82
N ILE C 342 16.37 -11.97 20.81
CA ILE C 342 15.29 -12.76 20.23
C ILE C 342 14.02 -12.62 21.06
N ASN C 343 14.14 -12.70 22.39
CA ASN C 343 12.97 -12.48 23.25
C ASN C 343 12.38 -11.11 22.99
N LYS C 344 13.24 -10.11 22.90
CA LYS C 344 12.82 -8.72 22.76
C LYS C 344 12.03 -8.52 21.47
N GLU C 345 12.56 -9.03 20.35
CA GLU C 345 11.82 -8.90 19.10
C GLU C 345 10.59 -9.79 19.06
N ALA C 346 10.64 -10.97 19.68
CA ALA C 346 9.43 -11.80 19.70
C ALA C 346 8.28 -11.17 20.49
N VAL C 347 8.60 -10.55 21.62
CA VAL C 347 7.56 -9.90 22.40
C VAL C 347 7.10 -8.64 21.67
N TRP C 348 7.99 -7.99 20.92
CA TRP C 348 7.57 -6.94 19.99
C TRP C 348 6.53 -7.44 18.97
N PHE C 349 6.84 -8.55 18.31
CA PHE C 349 5.91 -9.19 17.38
C PHE C 349 4.56 -9.40 18.04
N LEU C 350 4.58 -10.02 19.22
CA LEU C 350 3.35 -10.36 19.93
C LEU C 350 2.58 -9.10 20.32
N SER C 351 3.30 -8.04 20.68
CA SER C 351 2.63 -6.80 21.03
C SER C 351 1.89 -6.23 19.84
N ASN C 352 2.49 -6.31 18.65
CA ASN C 352 1.75 -5.91 17.47
C ASN C 352 0.58 -6.83 17.19
N ILE C 353 0.68 -8.12 17.53
CA ILE C 353 -0.45 -9.01 17.28
C ILE C 353 -1.60 -8.70 18.22
N THR C 354 -1.30 -8.49 19.50
CA THR C 354 -2.32 -8.08 20.47
C THR C 354 -2.84 -6.68 20.19
N ALA C 355 -2.12 -5.91 19.37
CA ALA C 355 -2.61 -4.61 18.95
C ALA C 355 -3.69 -4.71 17.87
N GLY C 356 -3.97 -5.92 17.38
CA GLY C 356 -4.94 -6.13 16.33
C GLY C 356 -6.38 -6.23 16.80
N ASN C 357 -7.12 -7.15 16.19
CA ASN C 357 -8.53 -7.36 16.47
C ASN C 357 -8.69 -8.47 17.52
N GLN C 358 -9.94 -8.84 17.80
CA GLN C 358 -10.19 -9.76 18.91
C GLN C 358 -9.78 -11.20 18.57
N GLN C 359 -9.95 -11.61 17.30
CA GLN C 359 -9.54 -12.96 16.90
C GLN C 359 -8.03 -13.13 17.01
N GLN C 360 -7.28 -12.08 16.70
CA GLN C 360 -5.82 -12.13 16.79
C GLN C 360 -5.33 -12.14 18.24
N VAL C 361 -5.95 -11.33 19.10
CA VAL C 361 -5.71 -11.44 20.54
C VAL C 361 -5.99 -12.87 20.98
N GLN C 362 -7.05 -13.46 20.46
CA GLN C 362 -7.42 -14.81 20.87
C GLN C 362 -6.40 -15.84 20.39
N ALA C 363 -5.86 -15.67 19.20
CA ALA C 363 -4.82 -16.59 18.74
C ALA C 363 -3.59 -16.51 19.63
N VAL C 364 -3.21 -15.29 20.02
CA VAL C 364 -2.12 -15.10 20.98
C VAL C 364 -2.42 -15.87 22.27
N ILE C 365 -3.65 -15.72 22.77
CA ILE C 365 -4.02 -16.40 24.00
C ILE C 365 -3.94 -17.92 23.82
N ASP C 366 -4.52 -18.41 22.74
CA ASP C 366 -4.67 -19.85 22.51
C ASP C 366 -3.34 -20.53 22.25
N ALA C 367 -2.29 -19.78 21.91
CA ALA C 367 -0.96 -20.38 21.76
C ALA C 367 -0.21 -20.55 23.07
N ASN C 368 -0.84 -20.30 24.23
CA ASN C 368 -0.19 -20.33 25.54
C ASN C 368 0.84 -19.23 25.73
N LEU C 369 0.80 -18.18 24.91
CA LEU C 369 1.87 -17.19 24.98
C LEU C 369 1.67 -16.17 26.10
N VAL C 370 0.46 -16.08 26.67
CA VAL C 370 0.23 -15.12 27.75
C VAL C 370 1.07 -15.41 28.99
N PRO C 371 1.13 -16.65 29.51
CA PRO C 371 2.00 -16.88 30.69
C PRO C 371 3.47 -16.57 30.45
N MET C 372 4.02 -16.88 29.27
CA MET C 372 5.41 -16.54 29.01
C MET C 372 5.61 -15.05 28.83
N ILE C 373 4.65 -14.35 28.23
CA ILE C 373 4.75 -12.89 28.14
C ILE C 373 4.77 -12.29 29.54
N ILE C 374 3.91 -12.80 30.43
CA ILE C 374 3.93 -12.33 31.81
C ILE C 374 5.24 -12.68 32.48
N HIS C 375 5.81 -13.85 32.13
CA HIS C 375 7.09 -14.25 32.68
C HIS C 375 8.17 -13.24 32.34
N LEU C 376 8.26 -12.88 31.05
CA LEU C 376 9.24 -11.90 30.61
C LEU C 376 8.95 -10.51 31.18
N LEU C 377 7.68 -10.18 31.40
CA LEU C 377 7.34 -8.92 32.07
C LEU C 377 7.89 -8.89 33.49
N ASP C 378 7.83 -10.02 34.19
CA ASP C 378 8.30 -10.05 35.57
C ASP C 378 9.82 -10.08 35.63
N LYS C 379 10.44 -11.10 35.02
CA LYS C 379 11.83 -11.44 35.28
C LYS C 379 12.82 -11.03 34.21
N GLY C 380 12.39 -10.50 33.06
CA GLY C 380 13.33 -10.09 32.04
C GLY C 380 14.08 -8.83 32.47
N ASP C 381 14.98 -8.37 31.61
CA ASP C 381 15.62 -7.08 31.83
C ASP C 381 14.67 -5.99 31.36
N PHE C 382 15.13 -4.73 31.36
CA PHE C 382 14.24 -3.65 30.95
C PHE C 382 13.83 -3.74 29.49
N GLY C 383 14.79 -4.06 28.61
CA GLY C 383 14.49 -4.04 27.19
C GLY C 383 13.32 -4.92 26.85
N THR C 384 13.26 -6.11 27.45
CA THR C 384 12.17 -7.04 27.21
C THR C 384 10.89 -6.64 27.95
N GLN C 385 11.03 -6.12 29.17
CA GLN C 385 9.87 -5.67 29.93
C GLN C 385 9.13 -4.54 29.23
N LYS C 386 9.85 -3.70 28.48
CA LYS C 386 9.18 -2.68 27.67
C LYS C 386 8.14 -3.30 26.74
N GLU C 387 8.56 -4.30 25.98
CA GLU C 387 7.63 -4.93 25.04
C GLU C 387 6.58 -5.78 25.75
N ALA C 388 6.93 -6.40 26.87
CA ALA C 388 5.91 -7.11 27.62
C ALA C 388 4.80 -6.16 28.06
N ALA C 389 5.18 -4.98 28.56
CA ALA C 389 4.20 -3.99 29.01
C ALA C 389 3.38 -3.46 27.84
N TRP C 390 4.03 -3.17 26.70
CA TRP C 390 3.26 -2.80 25.52
C TRP C 390 2.26 -3.87 25.12
N ALA C 391 2.70 -5.13 25.14
CA ALA C 391 1.80 -6.22 24.76
C ALA C 391 0.58 -6.28 25.68
N ILE C 392 0.82 -6.14 26.99
CA ILE C 392 -0.30 -6.22 27.94
C ILE C 392 -1.28 -5.08 27.69
N SER C 393 -0.76 -3.86 27.55
CA SER C 393 -1.65 -2.71 27.33
C SER C 393 -2.41 -2.84 26.01
N ASN C 394 -1.74 -3.31 24.95
CA ASN C 394 -2.44 -3.43 23.68
C ASN C 394 -3.53 -4.48 23.77
N LEU C 395 -3.32 -5.52 24.58
CA LEU C 395 -4.37 -6.52 24.76
C LEU C 395 -5.52 -5.95 25.59
N THR C 396 -5.22 -5.11 26.59
CA THR C 396 -6.30 -4.50 27.36
C THR C 396 -7.14 -3.58 26.48
N ILE C 397 -6.48 -2.89 25.53
CA ILE C 397 -7.21 -2.02 24.62
C ILE C 397 -8.04 -2.83 23.63
N SER C 398 -7.45 -3.90 23.07
CA SER C 398 -8.08 -4.58 21.95
C SER C 398 -8.99 -5.73 22.36
N GLY C 399 -8.82 -6.26 23.56
CA GLY C 399 -9.40 -7.54 23.93
C GLY C 399 -10.80 -7.39 24.49
N ARG C 400 -11.41 -8.55 24.77
CA ARG C 400 -12.74 -8.57 25.34
C ARG C 400 -12.68 -8.67 26.86
N LYS C 401 -13.88 -8.82 27.44
CA LYS C 401 -14.05 -9.04 28.87
C LYS C 401 -13.29 -10.27 29.32
N ASP C 402 -13.67 -11.43 28.78
CA ASP C 402 -13.05 -12.69 29.19
C ASP C 402 -11.57 -12.75 28.84
N GLN C 403 -11.12 -11.96 27.85
CA GLN C 403 -9.69 -11.94 27.51
C GLN C 403 -8.86 -11.19 28.56
N VAL C 404 -9.26 -9.96 28.91
CA VAL C 404 -8.58 -9.27 30.01
C VAL C 404 -8.73 -10.06 31.30
N ALA C 405 -9.85 -10.77 31.45
CA ALA C 405 -10.02 -11.67 32.59
C ALA C 405 -8.99 -12.79 32.59
N TYR C 406 -8.69 -13.34 31.41
CA TYR C 406 -7.63 -14.34 31.32
C TYR C 406 -6.28 -13.76 31.74
N LEU C 407 -5.98 -12.53 31.33
CA LEU C 407 -4.75 -11.89 31.80
C LEU C 407 -4.72 -11.77 33.33
N ILE C 408 -5.85 -11.41 33.93
CA ILE C 408 -5.88 -11.35 35.40
C ILE C 408 -5.71 -12.74 36.00
N GLN C 409 -6.37 -13.74 35.41
CA GLN C 409 -6.23 -15.14 35.83
C GLN C 409 -4.79 -15.61 35.78
N GLN C 410 -3.99 -15.05 34.88
CA GLN C 410 -2.56 -15.34 34.82
C GLN C 410 -1.75 -14.39 35.68
N ASN C 411 -2.41 -13.53 36.45
CA ASN C 411 -1.77 -12.67 37.45
C ASN C 411 -0.78 -11.73 36.79
N VAL C 412 -1.28 -10.98 35.81
CA VAL C 412 -0.46 -9.97 35.16
C VAL C 412 -0.33 -8.76 36.06
N ILE C 413 -1.21 -8.65 37.06
CA ILE C 413 -1.26 -7.45 37.88
C ILE C 413 0.05 -7.23 38.62
N PRO C 414 0.61 -8.23 39.34
CA PRO C 414 1.81 -7.96 40.14
C PRO C 414 3.00 -7.54 39.30
N PRO C 415 3.42 -8.34 38.29
CA PRO C 415 4.57 -7.88 37.50
C PRO C 415 4.27 -6.63 36.72
N PHE C 416 3.04 -6.46 36.22
CA PHE C 416 2.69 -5.29 35.44
C PHE C 416 2.80 -4.05 36.31
N CYS C 417 2.40 -4.17 37.59
CA CYS C 417 2.51 -3.07 38.54
C CYS C 417 3.95 -2.79 38.93
N ASN C 418 4.80 -3.82 39.02
CA ASN C 418 6.18 -3.54 39.43
C ASN C 418 6.88 -2.56 38.49
N LEU C 419 6.32 -2.31 37.31
CA LEU C 419 6.92 -1.40 36.35
C LEU C 419 6.64 0.08 36.61
N LEU C 420 5.74 0.42 37.53
CA LEU C 420 5.36 1.83 37.67
C LEU C 420 6.51 2.72 38.09
N THR C 421 7.61 2.16 38.61
CA THR C 421 8.69 2.94 39.19
C THR C 421 9.93 3.00 38.29
N VAL C 422 9.78 2.80 36.98
CA VAL C 422 10.96 2.74 36.12
C VAL C 422 11.20 4.13 35.53
N LYS C 423 12.46 4.42 35.19
CA LYS C 423 12.83 5.75 34.71
C LYS C 423 12.15 6.13 33.40
N ASP C 424 11.82 5.16 32.54
CA ASP C 424 11.27 5.53 31.24
C ASP C 424 9.81 5.94 31.40
N ALA C 425 9.48 7.14 30.91
CA ALA C 425 8.14 7.69 31.10
C ALA C 425 7.12 6.98 30.23
N GLN C 426 7.51 6.59 29.01
CA GLN C 426 6.57 5.89 28.14
C GLN C 426 6.06 4.64 28.82
N VAL C 427 6.95 3.92 29.50
CA VAL C 427 6.59 2.63 30.09
C VAL C 427 5.61 2.81 31.25
N VAL C 428 5.87 3.79 32.13
CA VAL C 428 4.94 4.02 33.24
C VAL C 428 3.60 4.47 32.68
N GLN C 429 3.61 5.26 31.61
CA GLN C 429 2.39 5.70 30.96
C GLN C 429 1.59 4.54 30.36
N VAL C 430 2.29 3.62 29.70
CA VAL C 430 1.64 2.45 29.09
C VAL C 430 1.03 1.57 30.17
N VAL C 431 1.78 1.35 31.26
CA VAL C 431 1.28 0.52 32.35
C VAL C 431 0.10 1.19 33.05
N LEU C 432 0.14 2.52 33.23
CA LEU C 432 -1.01 3.21 33.78
C LEU C 432 -2.23 3.09 32.87
N ASP C 433 -2.02 3.19 31.57
CA ASP C 433 -3.13 2.96 30.64
C ASP C 433 -3.71 1.57 30.84
N GLY C 434 -2.84 0.56 30.98
CA GLY C 434 -3.33 -0.79 31.20
C GLY C 434 -4.13 -0.91 32.48
N LEU C 435 -3.62 -0.33 33.57
CA LEU C 435 -4.35 -0.33 34.84
C LEU C 435 -5.73 0.32 34.68
N SER C 436 -5.76 1.52 34.08
CA SER C 436 -7.01 2.24 33.88
C SER C 436 -8.01 1.42 33.08
N ASN C 437 -7.56 0.84 31.96
CA ASN C 437 -8.48 0.12 31.09
C ASN C 437 -8.93 -1.21 31.70
N ILE C 438 -8.06 -1.89 32.45
CA ILE C 438 -8.47 -3.12 33.11
C ILE C 438 -9.52 -2.82 34.16
N LEU C 439 -9.31 -1.72 34.90
CA LEU C 439 -10.35 -1.27 35.83
C LEU C 439 -11.62 -0.87 35.09
N LYS C 440 -11.49 -0.13 33.97
CA LYS C 440 -12.67 0.21 33.18
C LYS C 440 -13.27 -1.03 32.52
N MET C 441 -12.44 -1.99 32.12
CA MET C 441 -12.94 -3.17 31.42
C MET C 441 -13.90 -3.94 32.32
N ALA C 442 -13.56 -4.10 33.59
CA ALA C 442 -14.42 -4.74 34.58
C ALA C 442 -14.64 -3.74 35.71
N GLU C 443 -15.62 -2.84 35.52
CA GLU C 443 -15.95 -1.90 36.58
C GLU C 443 -16.84 -2.51 37.65
N ASP C 444 -17.52 -3.61 37.34
CA ASP C 444 -18.36 -4.27 38.34
C ASP C 444 -17.54 -5.09 39.33
N GLU C 445 -16.40 -5.64 38.90
CA GLU C 445 -15.43 -6.22 39.81
C GLU C 445 -14.37 -5.22 40.25
N ALA C 446 -14.60 -3.92 40.00
CA ALA C 446 -13.57 -2.91 40.22
C ALA C 446 -13.05 -2.92 41.65
N GLU C 447 -13.87 -3.30 42.63
CA GLU C 447 -13.35 -3.41 43.98
C GLU C 447 -12.35 -4.56 44.10
N THR C 448 -12.69 -5.73 43.55
CA THR C 448 -11.77 -6.87 43.66
C THR C 448 -10.52 -6.66 42.81
N ILE C 449 -10.66 -6.06 41.63
CA ILE C 449 -9.47 -5.76 40.84
C ILE C 449 -8.63 -4.68 41.49
N GLY C 450 -9.28 -3.65 42.04
CA GLY C 450 -8.55 -2.63 42.78
C GLY C 450 -7.81 -3.20 43.98
N ASN C 451 -8.43 -4.18 44.65
CA ASN C 451 -7.74 -4.86 45.75
C ASN C 451 -6.53 -5.63 45.26
N LEU C 452 -6.66 -6.33 44.12
CA LEU C 452 -5.48 -7.01 43.58
C LEU C 452 -4.42 -6.02 43.12
N ILE C 453 -4.82 -4.82 42.70
CA ILE C 453 -3.84 -3.77 42.38
C ILE C 453 -3.10 -3.33 43.64
N GLU C 454 -3.85 -2.87 44.64
CA GLU C 454 -3.24 -2.28 45.83
C GLU C 454 -2.53 -3.32 46.69
N GLU C 455 -2.87 -4.60 46.55
CA GLU C 455 -2.25 -5.63 47.38
C GLU C 455 -0.76 -5.78 47.05
N CYS C 456 -0.43 -5.83 45.75
CA CYS C 456 0.95 -5.94 45.30
C CYS C 456 1.63 -4.57 45.18
N GLY C 457 1.12 -3.57 45.91
CA GLY C 457 1.71 -2.25 45.93
C GLY C 457 1.36 -1.34 44.77
N GLY C 458 0.41 -1.71 43.91
CA GLY C 458 0.09 -0.88 42.76
C GLY C 458 -0.49 0.46 43.16
N LEU C 459 -1.36 0.46 44.17
CA LEU C 459 -1.89 1.72 44.70
C LEU C 459 -0.77 2.67 45.09
N GLU C 460 0.25 2.14 45.76
CA GLU C 460 1.31 2.99 46.28
C GLU C 460 2.03 3.69 45.13
N LYS C 461 2.39 2.93 44.10
CA LYS C 461 3.16 3.48 43.01
C LYS C 461 2.33 4.45 42.18
N ILE C 462 1.03 4.18 42.03
CA ILE C 462 0.16 5.12 41.33
C ILE C 462 0.07 6.44 42.09
N GLU C 463 -0.11 6.35 43.42
CA GLU C 463 -0.27 7.56 44.20
C GLU C 463 1.02 8.38 44.30
N GLN C 464 2.20 7.73 44.24
CA GLN C 464 3.40 8.57 44.12
C GLN C 464 3.59 9.11 42.71
N LEU C 465 3.23 8.36 41.67
CA LEU C 465 3.30 8.90 40.32
C LEU C 465 2.38 10.10 40.13
N GLN C 466 1.41 10.27 41.02
CA GLN C 466 0.69 11.54 41.05
C GLN C 466 1.63 12.73 41.32
N ASN C 467 2.86 12.48 41.78
CA ASN C 467 3.85 13.51 42.03
C ASN C 467 4.88 13.60 40.90
N HIS C 468 4.47 13.37 39.66
CA HIS C 468 5.39 13.18 38.55
C HIS C 468 5.53 14.48 37.73
N GLU C 469 6.59 14.54 36.93
CA GLU C 469 6.89 15.73 36.15
C GLU C 469 6.16 15.79 34.82
N ASN C 470 5.50 14.72 34.41
CA ASN C 470 4.75 14.67 33.16
C ASN C 470 3.27 14.88 33.47
N GLU C 471 2.64 15.81 32.75
CA GLU C 471 1.21 16.03 32.97
C GLU C 471 0.43 14.75 32.72
N ASP C 472 0.78 14.03 31.65
CA ASP C 472 0.05 12.84 31.27
C ASP C 472 0.01 11.85 32.43
N ILE C 473 1.17 11.63 33.05
CA ILE C 473 1.32 10.58 34.05
C ILE C 473 0.52 10.90 35.31
N TYR C 474 0.72 12.09 35.89
CA TYR C 474 0.04 12.35 37.16
C TYR C 474 -1.45 12.58 36.94
N LYS C 475 -1.83 13.19 35.82
CA LYS C 475 -3.23 13.40 35.53
C LYS C 475 -3.96 12.06 35.39
N LEU C 476 -3.36 11.12 34.65
CA LEU C 476 -3.98 9.80 34.54
C LEU C 476 -4.05 9.09 35.89
N ALA C 477 -2.97 9.14 36.68
CA ALA C 477 -2.97 8.42 37.96
C ALA C 477 -4.03 8.97 38.91
N TYR C 478 -4.16 10.29 38.96
CA TYR C 478 -5.21 10.95 39.72
C TYR C 478 -6.58 10.47 39.26
N GLU C 479 -6.75 10.30 37.94
CA GLU C 479 -8.01 9.82 37.40
C GLU C 479 -8.30 8.38 37.84
N ILE C 480 -7.28 7.51 37.83
CA ILE C 480 -7.50 6.12 38.27
C ILE C 480 -7.91 6.07 39.73
N ILE C 481 -7.19 6.80 40.59
CA ILE C 481 -7.51 6.70 42.01
C ILE C 481 -8.92 7.24 42.27
N ASP C 482 -9.31 8.28 41.54
CA ASP C 482 -10.67 8.81 41.77
C ASP C 482 -11.72 7.79 41.34
N GLN C 483 -11.57 7.19 40.16
CA GLN C 483 -12.65 6.36 39.67
C GLN C 483 -12.75 5.05 40.47
N PHE C 484 -11.62 4.38 40.73
CA PHE C 484 -11.70 3.00 41.19
C PHE C 484 -11.26 2.81 42.63
N PHE C 485 -10.71 3.84 43.26
CA PHE C 485 -10.23 3.79 44.64
C PHE C 485 -11.04 4.88 45.33
N SER C 486 -12.25 4.51 45.76
CA SER C 486 -13.24 5.49 46.21
C SER C 486 -12.90 6.10 47.57
N SER C 487 -12.18 5.37 48.42
CA SER C 487 -11.73 5.86 49.71
C SER C 487 -12.76 6.71 50.46
N ILE D 5 -9.04 6.63 12.44
CA ILE D 5 -9.13 5.59 13.46
C ILE D 5 -9.51 6.19 14.81
N GLU D 6 -9.19 5.46 15.87
CA GLU D 6 -9.43 5.94 17.23
C GLU D 6 -8.29 5.63 18.20
N GLU D 7 -7.21 5.00 17.74
CA GLU D 7 -6.00 4.82 18.52
C GLU D 7 -4.83 4.70 17.56
N LYS D 8 -3.61 4.67 18.12
CA LYS D 8 -2.40 4.65 17.30
C LYS D 8 -1.46 3.49 17.59
N ARG D 9 -1.78 2.63 18.57
CA ARG D 9 -0.77 1.76 19.19
C ARG D 9 -0.58 0.46 18.42
N LYS D 10 0.21 0.53 17.35
CA LYS D 10 0.75 -0.65 16.69
C LYS D 10 2.03 -0.17 16.00
N ARG D 11 3.17 -0.43 16.62
CA ARG D 11 4.34 0.43 16.45
C ARG D 11 5.48 -0.30 15.74
N THR D 12 6.11 0.41 14.81
CA THR D 12 7.01 -0.14 13.80
C THR D 12 8.39 -0.39 14.41
N TYR D 13 9.32 -0.92 13.58
CA TYR D 13 10.65 -1.21 14.11
C TYR D 13 11.53 0.03 14.24
N GLU D 14 11.22 1.09 13.50
CA GLU D 14 11.89 2.37 13.76
C GLU D 14 11.48 2.90 15.12
N THR D 15 10.20 2.73 15.47
CA THR D 15 9.63 3.03 16.78
C THR D 15 10.03 2.00 17.83
N PHE D 16 10.71 0.93 17.42
CA PHE D 16 11.31 -0.01 18.36
C PHE D 16 12.60 0.55 18.97
N LYS D 17 13.26 1.47 18.27
CA LYS D 17 14.52 2.04 18.69
C LYS D 17 14.34 3.45 19.24
N SER D 18 15.37 3.95 19.92
CA SER D 18 15.35 5.29 20.48
C SER D 18 16.77 5.76 20.79
N GLU E 4 21.36 -5.92 8.22
CA GLU E 4 22.63 -5.90 8.93
C GLU E 4 23.84 -6.12 8.01
N VAL E 5 23.63 -6.81 6.89
CA VAL E 5 24.74 -7.01 5.96
C VAL E 5 25.22 -5.65 5.46
N GLN E 6 26.54 -5.49 5.38
CA GLN E 6 27.11 -4.18 5.15
C GLN E 6 26.84 -3.70 3.73
N ARG E 7 26.46 -2.41 3.63
CA ARG E 7 25.96 -1.84 2.38
C ARG E 7 27.07 -1.63 1.35
N LYS E 8 28.21 -1.12 1.78
CA LYS E 8 29.41 -1.03 0.94
C LYS E 8 30.45 -1.98 1.50
N ARG E 9 31.13 -2.69 0.60
CA ARG E 9 32.00 -3.79 1.01
C ARG E 9 33.15 -3.90 0.02
N GLN E 10 34.38 -3.77 0.51
CA GLN E 10 35.55 -3.84 -0.35
C GLN E 10 36.10 -5.26 -0.46
N LYS E 11 36.68 -5.58 -1.61
CA LYS E 11 37.21 -6.91 -1.85
C LYS E 11 38.65 -6.92 -1.37
N LEU E 12 38.93 -7.77 -0.39
CA LEU E 12 40.20 -7.80 0.32
C LEU E 12 41.09 -8.92 -0.20
N MET E 13 42.39 -8.63 -0.29
CA MET E 13 43.35 -9.52 -0.92
C MET E 13 43.63 -10.75 -0.05
N PRO E 14 43.79 -11.93 -0.67
CA PRO E 14 44.08 -13.20 0.01
C PRO E 14 45.39 -13.16 0.78
N GLU F 6 3.28 18.28 7.15
CA GLU F 6 2.87 17.51 5.97
C GLU F 6 1.36 17.64 5.76
N GLU F 7 0.93 18.57 4.91
CA GLU F 7 -0.49 18.79 4.65
C GLU F 7 -1.09 17.73 3.73
N LYS F 8 -2.31 17.99 3.27
CA LYS F 8 -3.07 17.06 2.45
C LYS F 8 -2.40 16.89 1.10
N ARG F 9 -1.53 15.88 1.01
CA ARG F 9 -0.65 15.71 -0.13
C ARG F 9 -1.40 15.60 -1.45
N LYS F 10 -2.10 14.51 -1.65
CA LYS F 10 -2.95 14.38 -2.81
C LYS F 10 -4.38 14.62 -2.36
N ARG F 11 -5.33 14.44 -3.26
CA ARG F 11 -6.72 14.74 -2.95
C ARG F 11 -7.61 13.59 -3.43
N THR F 12 -8.22 12.92 -2.47
CA THR F 12 -9.00 11.72 -2.74
C THR F 12 -10.26 12.06 -3.50
N TYR F 13 -10.87 11.04 -4.09
CA TYR F 13 -12.00 11.30 -4.97
C TYR F 13 -13.20 11.83 -4.19
N GLU F 14 -13.47 11.27 -3.00
CA GLU F 14 -14.60 11.77 -2.21
C GLU F 14 -14.40 13.23 -1.81
N THR F 15 -13.15 13.63 -1.56
CA THR F 15 -12.87 15.04 -1.28
C THR F 15 -13.26 15.92 -2.47
N PHE F 16 -13.18 15.37 -3.68
CA PHE F 16 -13.54 16.08 -4.90
C PHE F 16 -15.06 16.10 -5.09
N LYS F 17 -15.76 16.57 -4.06
CA LYS F 17 -17.17 16.92 -4.06
C LYS F 17 -17.45 17.65 -2.76
N SER F 18 -18.40 18.58 -2.80
CA SER F 18 -18.67 19.43 -1.64
C SER F 18 -19.54 18.72 -0.60
#